data_7LRH
#
_entry.id   7LRH
#
_cell.length_a   54.910
_cell.length_b   56.700
_cell.length_c   79.600
_cell.angle_alpha   95.988
_cell.angle_beta   91.249
_cell.angle_gamma   113.164
#
_symmetry.space_group_name_H-M   'P 1'
#
loop_
_entity.id
_entity.type
_entity.pdbx_description
1 polymer 'Riboflavin biosynthesis protein RibD'
2 non-polymer 'SULFATE ION'
3 water water
#
_entity_poly.entity_id   1
_entity_poly.type   'polypeptide(L)'
_entity_poly.pdbx_seq_one_letter_code
;MHHHHHHRKRPEVILKLALSADGMIGRKGAGQVAITGPVSRAQSHILRAQADIILIGIETALADDPVLNCRLPGLEQRSP
VRVVLDGGLRLPLSSRLVRSADTQPLWVACGEEAPDERRAALGAAGCRILATETHDGRIALPELLDDLAAQGIASVLVEG
GAGVAKSFLDEKLVDRLIIFRSPLVIGAADGVAVEGLETHIASEFKILRRMRYADDACAEYVRNT
;
_entity_poly.pdbx_strand_id   A,B,C,D
#
# COMPACT_ATOMS: atom_id res chain seq x y z
N ARG A 10 1.78 24.02 9.89
CA ARG A 10 1.83 25.05 8.86
C ARG A 10 1.71 24.40 7.50
N PRO A 11 0.77 24.86 6.67
CA PRO A 11 0.58 24.20 5.36
C PRO A 11 1.79 24.42 4.44
N GLU A 12 1.94 23.52 3.47
CA GLU A 12 2.90 23.78 2.40
C GLU A 12 2.41 24.97 1.60
N VAL A 13 3.31 25.88 1.26
CA VAL A 13 2.95 27.11 0.56
C VAL A 13 3.61 27.12 -0.82
N ILE A 14 2.80 27.13 -1.87
CA ILE A 14 3.27 27.30 -3.24
C ILE A 14 2.89 28.71 -3.70
N LEU A 15 3.85 29.49 -4.17
CA LEU A 15 3.58 30.82 -4.75
C LEU A 15 3.69 30.74 -6.27
N LYS A 16 2.59 31.04 -6.98
CA LYS A 16 2.53 30.97 -8.43
C LYS A 16 2.49 32.40 -8.98
N LEU A 17 3.45 32.75 -9.79
CA LEU A 17 3.51 34.12 -10.33
C LEU A 17 3.38 34.07 -11.84
N ALA A 18 2.67 35.05 -12.41
CA ALA A 18 2.53 35.25 -13.86
C ALA A 18 3.27 36.53 -14.24
N LEU A 19 4.38 36.41 -14.95
CA LEU A 19 5.26 37.52 -15.30
C LEU A 19 5.29 37.77 -16.81
N SER A 20 5.62 39.00 -17.19
CA SER A 20 5.87 39.19 -18.59
C SER A 20 7.28 38.77 -18.94
N ALA A 21 7.56 38.78 -20.24
CA ALA A 21 8.89 38.45 -20.73
C ALA A 21 9.97 39.24 -20.04
N ASP A 22 9.72 40.49 -19.65
CA ASP A 22 10.74 41.29 -18.97
C ASP A 22 10.58 41.30 -17.45
N GLY A 23 9.83 40.35 -16.89
CA GLY A 23 9.81 40.16 -15.46
C GLY A 23 8.80 41.00 -14.70
N MET A 24 7.84 41.63 -15.37
CA MET A 24 6.85 42.45 -14.68
C MET A 24 5.66 41.60 -14.25
N ILE A 25 5.14 41.91 -13.07
CA ILE A 25 3.93 41.24 -12.57
C ILE A 25 2.62 41.96 -12.95
N GLY A 26 2.68 43.13 -13.59
CA GLY A 26 1.47 43.71 -14.12
C GLY A 26 1.74 45.03 -14.80
N ARG A 27 0.67 45.65 -15.30
CA ARG A 27 0.75 46.99 -15.88
C ARG A 27 0.40 47.92 -14.71
N LYS A 28 1.00 49.11 -14.68
CA LYS A 28 0.66 50.05 -13.61
C LYS A 28 -0.86 50.25 -13.56
N GLY A 29 -1.40 50.20 -12.33
CA GLY A 29 -2.82 50.41 -12.06
C GLY A 29 -3.78 49.31 -12.45
N ALA A 30 -3.31 48.08 -12.64
CA ALA A 30 -4.22 47.10 -13.21
C ALA A 30 -4.04 45.72 -12.61
N GLY A 31 -4.33 44.69 -13.40
CA GLY A 31 -4.38 43.32 -12.88
C GLY A 31 -3.18 42.46 -13.24
N GLN A 32 -3.43 41.17 -13.41
CA GLN A 32 -2.30 40.27 -13.62
C GLN A 32 -1.98 40.11 -15.10
N VAL A 33 -0.74 39.65 -15.35
CA VAL A 33 -0.28 39.33 -16.67
C VAL A 33 -0.98 38.08 -17.15
N ALA A 34 -1.53 38.13 -18.36
CA ALA A 34 -2.20 36.97 -18.94
C ALA A 34 -1.19 35.91 -19.35
N ILE A 35 -1.46 34.65 -19.01
CA ILE A 35 -0.68 33.51 -19.44
C ILE A 35 -1.49 32.76 -20.51
N THR A 36 -0.92 32.59 -21.68
CA THR A 36 -1.70 32.12 -22.81
C THR A 36 -1.26 30.79 -23.41
N GLY A 37 -0.05 30.33 -23.14
CA GLY A 37 0.35 29.04 -23.67
C GLY A 37 -0.53 27.93 -23.09
N PRO A 38 -0.85 26.92 -23.92
CA PRO A 38 -1.77 25.86 -23.46
C PRO A 38 -1.17 24.99 -22.33
N VAL A 39 0.13 24.66 -22.38
CA VAL A 39 0.73 23.86 -21.30
C VAL A 39 0.69 24.62 -19.99
N SER A 40 0.97 25.93 -20.05
CA SER A 40 0.97 26.72 -18.82
C SER A 40 -0.42 26.89 -18.26
N ARG A 41 -1.43 27.02 -19.13
CA ARG A 41 -2.78 27.17 -18.64
C ARG A 41 -3.26 25.89 -17.97
N ALA A 42 -2.95 24.74 -18.56
CA ALA A 42 -3.34 23.48 -17.96
C ALA A 42 -2.63 23.26 -16.63
N GLN A 43 -1.31 23.49 -16.59
CA GLN A 43 -0.59 23.36 -15.34
C GLN A 43 -1.16 24.29 -14.29
N SER A 44 -1.58 25.49 -14.72
CA SER A 44 -2.13 26.45 -13.80
C SER A 44 -3.40 25.90 -13.17
N HIS A 45 -4.24 25.24 -13.96
CA HIS A 45 -5.46 24.72 -13.33
C HIS A 45 -5.20 23.49 -12.48
N ILE A 46 -4.13 22.77 -12.82
CA ILE A 46 -3.76 21.58 -12.05
C ILE A 46 -3.27 21.97 -10.67
N LEU A 47 -2.50 23.05 -10.58
CA LEU A 47 -2.07 23.58 -9.30
C LEU A 47 -3.26 23.89 -8.40
N ARG A 48 -4.35 24.44 -8.98
CA ARG A 48 -5.54 24.75 -8.20
C ARG A 48 -6.18 23.46 -7.66
N ALA A 49 -6.29 22.45 -8.52
CA ALA A 49 -6.85 21.16 -8.10
C ALA A 49 -6.02 20.46 -7.02
N GLN A 50 -4.70 20.63 -7.04
CA GLN A 50 -3.85 20.04 -5.99
C GLN A 50 -3.82 20.83 -4.69
N ALA A 51 -4.34 22.05 -4.67
CA ALA A 51 -4.28 22.89 -3.48
C ALA A 51 -5.54 22.71 -2.64
N ASP A 52 -5.37 22.81 -1.34
CA ASP A 52 -6.53 22.88 -0.43
C ASP A 52 -7.18 24.27 -0.47
N ILE A 53 -6.34 25.29 -0.62
CA ILE A 53 -6.74 26.70 -0.54
C ILE A 53 -6.01 27.43 -1.64
N ILE A 54 -6.72 28.38 -2.29
CA ILE A 54 -6.08 29.35 -3.15
C ILE A 54 -6.24 30.71 -2.49
N LEU A 55 -5.14 31.45 -2.37
CA LEU A 55 -5.12 32.72 -1.64
C LEU A 55 -4.71 33.83 -2.60
N ILE A 56 -5.41 34.97 -2.54
CA ILE A 56 -5.06 36.17 -3.32
C ILE A 56 -5.26 37.42 -2.45
N GLY A 57 -4.71 38.53 -2.90
CA GLY A 57 -4.98 39.77 -2.16
C GLY A 57 -6.15 40.54 -2.73
N ILE A 58 -6.75 41.40 -1.90
CA ILE A 58 -7.90 42.20 -2.35
C ILE A 58 -7.52 43.07 -3.54
N GLU A 59 -6.26 43.53 -3.60
CA GLU A 59 -5.86 44.34 -4.73
C GLU A 59 -6.04 43.57 -6.03
N THR A 60 -5.63 42.29 -6.04
CA THR A 60 -5.84 41.44 -7.21
C THR A 60 -7.31 41.22 -7.49
N ALA A 61 -8.10 41.00 -6.45
CA ALA A 61 -9.53 40.73 -6.62
C ALA A 61 -10.23 41.91 -7.29
N LEU A 62 -9.91 43.12 -6.87
CA LEU A 62 -10.54 44.29 -7.49
C LEU A 62 -10.10 44.50 -8.93
N ALA A 63 -8.82 44.28 -9.22
CA ALA A 63 -8.30 44.56 -10.55
C ALA A 63 -8.69 43.51 -11.58
N ASP A 64 -8.87 42.25 -11.18
CA ASP A 64 -9.11 41.16 -12.12
C ASP A 64 -10.48 40.50 -12.02
N ASP A 65 -11.23 40.73 -10.94
CA ASP A 65 -12.53 40.12 -10.70
C ASP A 65 -12.51 38.61 -10.95
N PRO A 66 -11.56 37.88 -10.37
CA PRO A 66 -11.33 36.49 -10.75
C PRO A 66 -12.36 35.56 -10.12
N VAL A 67 -12.29 34.26 -10.50
CA VAL A 67 -13.21 33.27 -9.95
C VAL A 67 -12.47 32.20 -9.15
N LEU A 68 -11.25 31.89 -9.58
CA LEU A 68 -10.34 31.03 -8.84
C LEU A 68 -10.89 29.62 -8.70
N ASN A 69 -11.57 29.14 -9.74
CA ASN A 69 -11.98 27.74 -9.70
C ASN A 69 -11.13 26.92 -10.66
N CYS A 70 -11.26 25.58 -10.55
CA CYS A 70 -10.55 24.66 -11.44
C CYS A 70 -11.43 24.37 -12.63
N ARG A 71 -10.94 24.64 -13.86
CA ARG A 71 -11.75 24.42 -15.05
C ARG A 71 -11.28 23.31 -15.98
N LEU A 72 -10.40 22.43 -15.55
CA LEU A 72 -10.10 21.25 -16.35
C LEU A 72 -11.27 20.30 -16.31
N PRO A 73 -11.74 19.81 -17.46
CA PRO A 73 -12.89 18.90 -17.45
C PRO A 73 -12.62 17.68 -16.57
N GLY A 74 -13.58 17.38 -15.68
CA GLY A 74 -13.43 16.30 -14.74
C GLY A 74 -12.80 16.70 -13.43
N LEU A 75 -12.30 17.92 -13.32
CA LEU A 75 -11.65 18.36 -12.09
C LEU A 75 -12.36 19.53 -11.42
N GLU A 76 -13.52 19.95 -11.95
CA GLU A 76 -14.25 21.08 -11.39
C GLU A 76 -14.60 20.84 -9.93
N GLN A 77 -14.83 19.59 -9.55
CA GLN A 77 -15.14 19.27 -8.16
C GLN A 77 -13.91 19.39 -7.27
N ARG A 78 -12.74 19.64 -7.83
CA ARG A 78 -11.55 19.87 -7.03
C ARG A 78 -11.21 21.34 -6.94
N SER A 79 -12.17 22.22 -7.22
CA SER A 79 -11.97 23.66 -7.01
C SER A 79 -11.75 23.94 -5.51
N PRO A 80 -10.65 24.57 -5.13
CA PRO A 80 -10.29 24.69 -3.72
C PRO A 80 -11.09 25.77 -2.98
N VAL A 81 -10.88 25.82 -1.66
CA VAL A 81 -11.36 26.93 -0.84
C VAL A 81 -10.60 28.16 -1.31
N ARG A 82 -11.31 29.28 -1.44
CA ARG A 82 -10.71 30.55 -1.82
C ARG A 82 -10.59 31.46 -0.60
N VAL A 83 -9.44 32.12 -0.46
CA VAL A 83 -9.21 33.05 0.63
C VAL A 83 -8.76 34.37 0.04
N VAL A 84 -9.41 35.47 0.44
CA VAL A 84 -9.03 36.81 -0.01
C VAL A 84 -8.49 37.58 1.20
N LEU A 85 -7.28 38.10 1.07
CA LEU A 85 -6.72 38.90 2.15
C LEU A 85 -7.30 40.30 1.99
N ASP A 86 -8.26 40.67 2.89
CA ASP A 86 -9.11 41.87 2.72
C ASP A 86 -9.33 42.47 4.11
N GLY A 87 -8.37 43.30 4.53
CA GLY A 87 -8.37 43.86 5.87
C GLY A 87 -9.61 44.69 6.14
N GLY A 88 -10.11 45.40 5.13
CA GLY A 88 -11.27 46.25 5.28
C GLY A 88 -12.60 45.66 4.85
N LEU A 89 -12.67 44.38 4.51
CA LEU A 89 -13.89 43.77 4.00
C LEU A 89 -14.42 44.57 2.83
N ARG A 90 -13.50 44.91 1.94
CA ARG A 90 -13.74 45.71 0.77
C ARG A 90 -14.25 44.90 -0.42
N LEU A 91 -14.41 43.58 -0.30
CA LEU A 91 -14.84 42.73 -1.43
C LEU A 91 -16.23 43.09 -1.97
N PRO A 92 -16.37 43.43 -3.25
CA PRO A 92 -17.70 43.82 -3.76
C PRO A 92 -18.69 42.66 -3.76
N LEU A 93 -19.92 42.94 -3.34
CA LEU A 93 -20.94 41.90 -3.36
C LEU A 93 -21.33 41.52 -4.76
N SER A 94 -21.01 42.35 -5.74
CA SER A 94 -21.21 42.04 -7.14
C SER A 94 -20.06 41.24 -7.76
N SER A 95 -18.90 41.12 -7.09
CA SER A 95 -17.77 40.32 -7.57
C SER A 95 -18.19 38.91 -8.00
N ARG A 96 -17.50 38.39 -9.02
CA ARG A 96 -17.66 36.98 -9.36
C ARG A 96 -17.33 36.08 -8.16
N LEU A 97 -16.42 36.51 -7.29
CA LEU A 97 -16.08 35.72 -6.11
C LEU A 97 -17.29 35.57 -5.19
N VAL A 98 -17.83 36.70 -4.72
CA VAL A 98 -18.96 36.66 -3.79
C VAL A 98 -20.15 36.00 -4.46
N ARG A 99 -20.35 36.23 -5.75
CA ARG A 99 -21.54 35.64 -6.35
C ARG A 99 -21.42 34.14 -6.61
N SER A 100 -20.24 33.55 -6.46
CA SER A 100 -20.15 32.11 -6.58
C SER A 100 -19.95 31.44 -5.22
N ALA A 101 -20.18 32.18 -4.14
CA ALA A 101 -19.83 31.74 -2.79
C ALA A 101 -20.64 30.53 -2.32
N ASP A 102 -21.84 30.32 -2.84
CA ASP A 102 -22.57 29.08 -2.55
C ASP A 102 -22.04 27.88 -3.33
N THR A 103 -21.37 28.08 -4.46
CA THR A 103 -20.93 26.99 -5.31
C THR A 103 -19.47 26.61 -5.08
N GLN A 104 -18.72 27.41 -4.32
CA GLN A 104 -17.32 27.14 -4.00
C GLN A 104 -17.01 27.93 -2.74
N PRO A 105 -16.32 27.38 -1.77
CA PRO A 105 -16.05 28.15 -0.54
C PRO A 105 -15.31 29.45 -0.83
N LEU A 106 -15.68 30.48 -0.09
CA LEU A 106 -15.01 31.79 -0.13
C LEU A 106 -14.83 32.27 1.30
N TRP A 107 -13.59 32.43 1.72
CA TRP A 107 -13.25 32.92 3.04
C TRP A 107 -12.58 34.24 2.84
N VAL A 108 -13.00 35.27 3.57
CA VAL A 108 -12.42 36.60 3.49
C VAL A 108 -11.70 36.85 4.81
N ALA A 109 -10.40 37.10 4.75
CA ALA A 109 -9.62 37.28 5.97
C ALA A 109 -9.52 38.76 6.31
N CYS A 110 -10.00 39.11 7.48
CA CYS A 110 -9.90 40.46 8.04
C CYS A 110 -9.76 40.23 9.55
N GLY A 111 -9.15 41.18 10.25
CA GLY A 111 -9.12 41.17 11.70
C GLY A 111 -10.35 41.75 12.41
N GLU A 112 -10.14 42.05 13.71
CA GLU A 112 -11.10 42.77 14.57
C GLU A 112 -11.07 44.29 14.37
N GLU A 113 -11.40 44.74 13.15
CA GLU A 113 -11.25 46.11 12.68
C GLU A 113 -12.26 46.43 11.60
N ALA A 114 -12.69 45.50 10.89
CA ALA A 114 -13.62 45.81 9.81
C ALA A 114 -15.01 46.08 10.37
N PRO A 115 -15.73 47.02 9.81
CA PRO A 115 -17.10 47.32 10.32
C PRO A 115 -18.09 46.19 10.16
N ASP A 116 -18.99 46.11 11.12
CA ASP A 116 -19.94 45.00 11.16
C ASP A 116 -20.88 45.01 9.95
N GLU A 117 -21.09 46.17 9.29
CA GLU A 117 -22.04 46.15 8.17
C GLU A 117 -21.48 45.48 6.93
N ARG A 118 -20.14 45.56 6.70
CA ARG A 118 -19.56 44.84 5.59
C ARG A 118 -19.30 43.40 6.02
N ARG A 119 -19.08 43.23 7.31
CA ARG A 119 -18.98 41.90 7.87
C ARG A 119 -20.28 41.14 7.73
N ALA A 120 -21.42 41.82 7.97
CA ALA A 120 -22.73 41.18 7.91
C ALA A 120 -23.21 40.96 6.49
N ALA A 121 -23.00 41.94 5.60
CA ALA A 121 -23.40 41.80 4.20
C ALA A 121 -22.69 40.63 3.50
N LEU A 122 -21.38 40.47 3.74
CA LEU A 122 -20.66 39.36 3.09
C LEU A 122 -21.05 38.01 3.70
N GLY A 123 -21.19 37.94 5.02
CA GLY A 123 -21.64 36.69 5.64
C GLY A 123 -23.02 36.25 5.17
N ALA A 124 -23.94 37.22 4.99
CA ALA A 124 -25.29 36.86 4.53
C ALA A 124 -25.28 36.40 3.10
N ALA A 125 -24.30 36.86 2.30
CA ALA A 125 -24.13 36.41 0.92
C ALA A 125 -23.45 35.05 0.84
N GLY A 126 -23.03 34.47 1.96
CA GLY A 126 -22.41 33.16 1.96
C GLY A 126 -20.92 33.12 2.17
N CYS A 127 -20.29 34.24 2.55
CA CYS A 127 -18.86 34.24 2.82
C CYS A 127 -18.63 33.89 4.27
N ARG A 128 -17.62 33.07 4.51
CA ARG A 128 -17.12 32.90 5.86
C ARG A 128 -16.11 33.99 6.13
N ILE A 129 -16.22 34.62 7.29
CA ILE A 129 -15.32 35.71 7.69
C ILE A 129 -14.24 35.15 8.59
N LEU A 130 -12.98 35.32 8.19
CA LEU A 130 -11.82 34.74 8.87
C LEU A 130 -11.07 35.80 9.68
N ALA A 131 -10.99 35.59 10.99
CA ALA A 131 -10.32 36.50 11.92
C ALA A 131 -8.80 36.40 11.87
N THR A 132 -8.11 37.55 11.73
CA THR A 132 -6.65 37.58 11.65
C THR A 132 -6.06 38.68 12.54
N GLU A 133 -4.75 38.60 12.78
CA GLU A 133 -3.99 39.36 13.77
C GLU A 133 -3.18 40.49 13.11
N THR A 134 -3.03 41.59 13.85
CA THR A 134 -2.39 42.85 13.39
C THR A 134 -2.77 43.25 11.96
N ILE A 139 -1.49 42.84 8.61
CA ILE A 139 -2.01 41.46 8.59
C ILE A 139 -0.86 40.43 8.77
N ALA A 140 -0.98 39.60 9.81
CA ALA A 140 0.10 38.71 10.24
C ALA A 140 0.07 37.42 9.42
N LEU A 141 0.98 37.31 8.45
CA LEU A 141 0.99 36.14 7.57
C LEU A 141 1.38 34.89 8.32
N PRO A 142 2.47 34.85 9.10
CA PRO A 142 2.78 33.60 9.80
C PRO A 142 1.67 33.07 10.69
N GLU A 143 0.93 33.86 11.44
CA GLU A 143 -0.07 33.07 12.15
C GLU A 143 -1.45 33.11 11.41
N LEU A 144 -1.55 33.76 10.24
CA LEU A 144 -2.69 33.37 9.37
C LEU A 144 -2.49 31.95 8.85
N LEU A 145 -1.26 31.57 8.50
CA LEU A 145 -0.99 30.20 8.08
C LEU A 145 -1.12 29.21 9.23
N ASP A 146 -0.77 29.60 10.47
CA ASP A 146 -1.09 28.73 11.59
C ASP A 146 -2.61 28.61 11.74
N ASP A 147 -3.34 29.72 11.61
CA ASP A 147 -4.79 29.63 11.67
C ASP A 147 -5.38 28.79 10.55
N LEU A 148 -4.90 28.98 9.32
CA LEU A 148 -5.43 28.21 8.21
C LEU A 148 -5.16 26.71 8.42
N ALA A 149 -4.00 26.36 8.98
CA ALA A 149 -3.68 24.96 9.24
C ALA A 149 -4.55 24.34 10.33
N ALA A 150 -4.93 25.12 11.36
CA ALA A 150 -5.81 24.56 12.39
C ALA A 150 -7.16 24.16 11.81
N GLN A 151 -7.57 24.78 10.72
CA GLN A 151 -8.86 24.48 10.12
C GLN A 151 -8.80 23.39 9.07
N GLY A 152 -7.74 22.54 9.14
CA GLY A 152 -7.53 21.36 8.30
C GLY A 152 -6.78 21.52 6.96
N ILE A 153 -6.20 22.69 6.67
CA ILE A 153 -5.55 22.97 5.38
C ILE A 153 -4.13 22.42 5.34
N ALA A 154 -3.82 21.60 4.32
CA ALA A 154 -2.45 21.06 4.20
C ALA A 154 -1.58 21.80 3.16
N SER A 155 -2.16 22.49 2.20
CA SER A 155 -1.40 23.17 1.16
C SER A 155 -2.15 24.39 0.70
N VAL A 156 -1.42 25.50 0.54
CA VAL A 156 -1.96 26.79 0.13
C VAL A 156 -1.28 27.14 -1.17
N LEU A 157 -2.06 27.53 -2.18
CA LEU A 157 -1.53 28.06 -3.43
C LEU A 157 -1.75 29.57 -3.39
N VAL A 158 -0.67 30.36 -3.39
CA VAL A 158 -0.77 31.82 -3.41
C VAL A 158 -0.61 32.26 -4.84
N GLU A 159 -1.63 32.90 -5.39
CA GLU A 159 -1.59 33.49 -6.72
C GLU A 159 -1.46 35.01 -6.58
N GLY A 160 -0.23 35.48 -6.44
CA GLY A 160 0.02 36.85 -6.04
C GLY A 160 0.08 37.87 -7.17
N GLY A 161 -0.44 39.06 -6.87
CA GLY A 161 0.13 40.28 -7.39
C GLY A 161 1.35 40.65 -6.55
N ALA A 162 1.85 41.84 -6.80
CA ALA A 162 3.09 42.28 -6.18
C ALA A 162 3.02 42.28 -4.66
N GLY A 163 1.86 42.63 -4.10
CA GLY A 163 1.67 42.69 -2.67
C GLY A 163 1.79 41.37 -1.91
N VAL A 164 1.00 40.39 -2.32
CA VAL A 164 1.04 39.11 -1.63
C VAL A 164 2.37 38.40 -1.91
N ALA A 165 2.86 38.47 -3.15
CA ALA A 165 4.13 37.84 -3.51
C ALA A 165 5.28 38.39 -2.71
N LYS A 166 5.35 39.72 -2.61
CA LYS A 166 6.45 40.33 -1.87
C LYS A 166 6.36 39.99 -0.39
N SER A 167 5.15 40.00 0.17
CA SER A 167 5.01 39.77 1.60
C SER A 167 5.28 38.33 1.97
N PHE A 168 4.83 37.39 1.14
CA PHE A 168 5.13 35.98 1.45
C PHE A 168 6.61 35.67 1.31
N LEU A 169 7.27 36.24 0.30
CA LEU A 169 8.69 35.94 0.09
C LEU A 169 9.54 36.60 1.15
N ASP A 170 9.24 37.87 1.45
CA ASP A 170 10.02 38.61 2.45
C ASP A 170 9.92 37.94 3.81
N GLU A 171 8.75 37.42 4.15
CA GLU A 171 8.66 36.70 5.40
C GLU A 171 9.07 35.23 5.28
N LYS A 172 9.64 34.84 4.13
CA LYS A 172 10.27 33.52 3.94
C LYS A 172 9.29 32.40 4.21
N LEU A 173 8.09 32.52 3.68
CA LEU A 173 7.05 31.53 3.93
C LEU A 173 6.76 30.64 2.73
N VAL A 174 7.55 30.74 1.65
CA VAL A 174 7.25 30.04 0.41
C VAL A 174 8.09 28.75 0.36
N ASP A 175 7.44 27.63 0.11
CA ASP A 175 8.17 26.37 -0.06
C ASP A 175 8.54 26.08 -1.52
N ARG A 176 7.61 26.35 -2.45
CA ARG A 176 7.81 26.13 -3.88
C ARG A 176 7.38 27.39 -4.62
N LEU A 177 8.11 27.71 -5.66
CA LEU A 177 7.83 28.93 -6.45
C LEU A 177 7.70 28.50 -7.89
N ILE A 178 6.58 28.84 -8.53
CA ILE A 178 6.35 28.53 -9.94
C ILE A 178 6.12 29.84 -10.66
N ILE A 179 6.90 30.11 -11.71
CA ILE A 179 6.87 31.40 -12.44
C ILE A 179 6.54 31.14 -13.90
N PHE A 180 5.37 31.56 -14.32
CA PHE A 180 5.00 31.50 -15.72
C PHE A 180 5.39 32.83 -16.35
N ARG A 181 6.08 32.79 -17.47
CA ARG A 181 6.55 34.02 -18.13
C ARG A 181 5.89 34.12 -19.51
N SER A 182 5.10 35.17 -19.70
CA SER A 182 4.59 35.51 -21.01
C SER A 182 5.75 35.85 -21.97
N PRO A 183 5.60 35.63 -23.28
CA PRO A 183 6.59 36.11 -24.25
C PRO A 183 6.54 37.60 -24.54
N LEU A 184 5.62 38.35 -23.94
CA LEU A 184 5.42 39.76 -24.30
C LEU A 184 6.07 40.71 -23.29
N VAL A 185 6.65 41.79 -23.81
CA VAL A 185 7.32 42.77 -22.96
C VAL A 185 6.35 43.89 -22.66
N ILE A 186 6.31 44.26 -21.39
CA ILE A 186 5.42 45.32 -20.94
C ILE A 186 6.16 46.65 -20.94
N GLY A 187 7.40 46.66 -20.48
CA GLY A 187 8.18 47.87 -20.43
C GLY A 187 8.30 48.44 -19.03
N ALA A 188 9.47 48.98 -18.71
CA ALA A 188 9.64 49.56 -17.38
C ALA A 188 8.85 50.85 -17.22
N ALA A 189 8.40 51.45 -18.32
CA ALA A 189 7.62 52.67 -18.20
C ALA A 189 6.27 52.36 -17.57
N ASP A 190 5.64 51.26 -17.97
CA ASP A 190 4.31 50.93 -17.48
C ASP A 190 4.23 49.66 -16.65
N GLY A 191 5.34 48.96 -16.44
CA GLY A 191 5.32 47.68 -15.71
C GLY A 191 5.48 47.82 -14.20
N VAL A 192 4.89 46.86 -13.46
CA VAL A 192 5.09 46.73 -12.02
C VAL A 192 5.91 45.45 -11.80
N ALA A 193 7.00 45.55 -11.05
CA ALA A 193 7.81 44.38 -10.72
C ALA A 193 7.63 44.03 -9.25
N VAL A 194 7.97 42.78 -8.91
CA VAL A 194 8.04 42.33 -7.52
C VAL A 194 9.43 42.66 -7.06
N GLU A 195 9.56 43.58 -6.15
CA GLU A 195 10.92 43.95 -5.93
C GLU A 195 11.49 42.97 -4.90
N GLY A 196 12.73 42.52 -5.13
CA GLY A 196 13.38 41.54 -4.30
C GLY A 196 13.15 40.14 -4.76
N LEU A 197 12.42 39.94 -5.85
CA LEU A 197 12.17 38.60 -6.34
C LEU A 197 13.47 37.88 -6.70
N GLU A 198 14.34 38.48 -7.53
CA GLU A 198 15.54 37.77 -7.99
C GLU A 198 16.52 37.50 -6.84
N THR A 199 16.66 38.43 -5.91
CA THR A 199 17.58 38.22 -4.79
C THR A 199 17.06 37.12 -3.85
N HIS A 200 15.73 37.03 -3.64
CA HIS A 200 15.18 35.92 -2.86
C HIS A 200 15.45 34.57 -3.52
N ILE A 201 15.29 34.49 -4.84
CA ILE A 201 15.56 33.23 -5.56
C ILE A 201 17.03 32.85 -5.43
N ALA A 202 17.92 33.84 -5.61
CA ALA A 202 19.35 33.65 -5.51
C ALA A 202 19.73 33.19 -4.11
N SER A 203 19.12 33.78 -3.11
CA SER A 203 19.51 33.56 -1.74
C SER A 203 18.92 32.24 -1.23
N GLU A 204 17.67 31.94 -1.58
CA GLU A 204 16.91 30.93 -0.87
C GLU A 204 16.40 29.75 -1.67
N PHE A 205 16.49 29.76 -3.02
CA PHE A 205 15.77 28.82 -3.87
C PHE A 205 16.74 28.15 -4.83
N LYS A 206 16.39 26.92 -5.24
CA LYS A 206 17.09 26.28 -6.35
C LYS A 206 16.11 25.86 -7.43
N ILE A 207 16.52 26.05 -8.68
CA ILE A 207 15.69 25.70 -9.83
C ILE A 207 15.50 24.19 -9.94
N LEU A 208 14.28 23.77 -10.28
CA LEU A 208 13.90 22.37 -10.43
C LEU A 208 13.66 21.95 -11.86
N ARG A 209 12.84 22.71 -12.59
CA ARG A 209 12.60 22.48 -14.00
C ARG A 209 12.39 23.84 -14.70
N ARG A 210 12.76 23.91 -15.97
CA ARG A 210 12.59 25.10 -16.80
C ARG A 210 11.97 24.63 -18.11
N MET A 211 10.80 25.17 -18.47
CA MET A 211 10.19 24.96 -19.78
C MET A 211 10.55 26.11 -20.70
N ARG A 212 11.21 25.81 -21.82
CA ARG A 212 11.82 26.82 -22.68
C ARG A 212 11.03 27.22 -23.93
N TYR A 213 9.83 26.69 -24.16
CA TYR A 213 9.09 27.17 -25.32
C TYR A 213 8.73 28.63 -25.04
N ALA A 214 8.91 29.51 -26.02
CA ALA A 214 8.81 30.95 -25.72
C ALA A 214 7.34 31.36 -25.47
N ASP A 215 6.38 30.72 -26.17
CA ASP A 215 4.94 30.85 -25.85
C ASP A 215 4.47 29.99 -24.73
N ASP A 216 5.36 29.41 -23.96
CA ASP A 216 4.84 28.48 -22.98
C ASP A 216 5.93 28.29 -21.95
N ALA A 217 6.45 29.38 -21.44
CA ALA A 217 7.65 29.33 -20.65
C ALA A 217 7.28 29.22 -19.17
N CYS A 218 8.06 28.44 -18.41
CA CYS A 218 7.76 28.18 -17.01
C CYS A 218 9.07 27.89 -16.27
N ALA A 219 9.19 28.36 -15.03
CA ALA A 219 10.31 27.99 -14.17
C ALA A 219 9.78 27.56 -12.81
N GLU A 220 10.24 26.41 -12.30
CA GLU A 220 9.88 25.90 -10.98
C GLU A 220 11.10 25.87 -10.07
N TYR A 221 10.95 26.31 -8.83
CA TYR A 221 12.00 26.36 -7.82
C TYR A 221 11.50 25.76 -6.50
N VAL A 222 12.45 25.23 -5.71
CA VAL A 222 12.14 24.80 -4.35
C VAL A 222 13.10 25.50 -3.41
N ARG A 223 12.66 25.68 -2.18
CA ARG A 223 13.46 26.34 -1.17
C ARG A 223 14.70 25.52 -0.90
N ASN A 224 15.81 26.21 -0.61
CA ASN A 224 17.08 25.54 -0.36
C ASN A 224 16.97 24.64 0.85
N THR A 225 17.68 23.52 0.78
CA THR A 225 17.66 22.55 1.87
C THR A 225 18.30 23.01 3.21
N ARG B 10 23.12 16.54 -21.64
CA ARG B 10 22.47 15.61 -20.71
C ARG B 10 21.13 16.22 -20.23
N PRO B 11 20.03 15.76 -20.82
CA PRO B 11 18.71 16.37 -20.53
C PRO B 11 18.18 16.00 -19.15
N GLU B 12 17.22 16.81 -18.68
CA GLU B 12 16.50 16.49 -17.44
C GLU B 12 15.61 15.26 -17.65
N VAL B 13 15.68 14.37 -16.67
CA VAL B 13 14.96 13.09 -16.65
C VAL B 13 14.00 13.04 -15.46
N ILE B 14 12.72 12.86 -15.74
CA ILE B 14 11.69 12.61 -14.73
C ILE B 14 11.28 11.17 -14.87
N LEU B 15 11.31 10.42 -13.78
CA LEU B 15 10.85 9.04 -13.75
C LEU B 15 9.46 9.02 -13.11
N LYS B 16 8.45 8.55 -13.85
CA LYS B 16 7.08 8.44 -13.40
C LYS B 16 6.78 6.96 -13.18
N LEU B 17 6.39 6.60 -11.94
CA LEU B 17 6.09 5.21 -11.58
C LEU B 17 4.64 5.16 -11.12
N ALA B 18 3.91 4.15 -11.57
CA ALA B 18 2.56 3.91 -11.07
C ALA B 18 2.64 2.62 -10.26
N LEU B 19 2.49 2.71 -8.93
CA LEU B 19 2.68 1.54 -8.04
C LEU B 19 1.37 1.12 -7.37
N SER B 20 1.27 -0.15 -6.97
CA SER B 20 0.12 -0.52 -6.19
C SER B 20 0.39 -0.20 -4.73
N ALA B 21 -0.61 -0.49 -3.87
CA ALA B 21 -0.44 -0.22 -2.45
C ALA B 21 0.77 -0.95 -1.88
N ASP B 22 1.04 -2.21 -2.33
CA ASP B 22 2.20 -2.93 -1.84
C ASP B 22 3.43 -2.69 -2.71
N GLY B 23 3.41 -1.66 -3.54
CA GLY B 23 4.65 -1.24 -4.16
C GLY B 23 5.05 -1.96 -5.43
N MET B 24 4.12 -2.64 -6.09
CA MET B 24 4.42 -3.33 -7.33
C MET B 24 4.19 -2.38 -8.52
N ILE B 25 5.13 -2.40 -9.47
CA ILE B 25 4.96 -1.60 -10.68
C ILE B 25 4.27 -2.36 -11.79
N GLY B 26 3.96 -3.64 -11.60
CA GLY B 26 3.22 -4.36 -12.61
C GLY B 26 2.92 -5.74 -12.10
N ARG B 27 2.21 -6.55 -12.90
CA ARG B 27 2.04 -7.92 -12.44
C ARG B 27 2.50 -8.79 -13.60
N LYS B 28 3.07 -9.95 -13.27
CA LYS B 28 3.71 -10.78 -14.28
C LYS B 28 2.78 -11.19 -15.42
N GLY B 29 1.50 -11.38 -15.19
CA GLY B 29 0.83 -11.85 -16.38
C GLY B 29 0.06 -10.88 -17.25
N ALA B 30 0.15 -9.59 -16.98
CA ALA B 30 -0.69 -8.68 -17.73
C ALA B 30 -0.11 -7.28 -17.70
N GLY B 31 -0.98 -6.29 -17.78
CA GLY B 31 -0.55 -4.92 -17.95
C GLY B 31 -0.24 -4.22 -16.64
N GLN B 32 0.05 -2.94 -16.78
CA GLN B 32 0.58 -2.19 -15.65
C GLN B 32 -0.54 -1.66 -14.78
N VAL B 33 -0.15 -1.13 -13.63
CA VAL B 33 -1.12 -0.53 -12.70
C VAL B 33 -1.69 0.72 -13.35
N ALA B 34 -3.00 0.71 -13.65
CA ALA B 34 -3.68 1.86 -14.19
C ALA B 34 -3.95 2.90 -13.10
N ILE B 35 -3.75 4.17 -13.43
CA ILE B 35 -4.03 5.28 -12.52
C ILE B 35 -5.47 5.72 -12.76
N THR B 36 -6.26 5.87 -11.71
CA THR B 36 -7.67 6.18 -11.91
C THR B 36 -8.12 7.56 -11.39
N GLY B 37 -7.39 8.17 -10.46
CA GLY B 37 -7.80 9.44 -9.92
C GLY B 37 -7.75 10.54 -10.97
N PRO B 38 -8.72 11.46 -10.94
CA PRO B 38 -8.73 12.51 -11.98
C PRO B 38 -7.55 13.47 -11.90
N VAL B 39 -7.13 13.88 -10.70
CA VAL B 39 -5.95 14.75 -10.64
C VAL B 39 -4.72 14.00 -11.11
N SER B 40 -4.60 12.70 -10.75
CA SER B 40 -3.43 11.98 -11.17
C SER B 40 -3.45 11.76 -12.66
N ARG B 41 -4.64 11.56 -13.26
CA ARG B 41 -4.71 11.38 -14.70
C ARG B 41 -4.30 12.63 -15.42
N ALA B 42 -4.83 13.77 -14.96
CA ALA B 42 -4.50 15.03 -15.63
C ALA B 42 -3.03 15.30 -15.53
N GLN B 43 -2.45 15.20 -14.32
CA GLN B 43 -1.01 15.40 -14.16
C GLN B 43 -0.18 14.45 -15.00
N SER B 44 -0.65 13.20 -15.20
CA SER B 44 0.15 12.27 -15.99
C SER B 44 0.27 12.77 -17.44
N HIS B 45 -0.84 13.26 -17.99
CA HIS B 45 -0.86 13.76 -19.37
C HIS B 45 -0.18 15.13 -19.49
N ILE B 46 -0.18 15.94 -18.43
CA ILE B 46 0.59 17.18 -18.51
C ILE B 46 2.08 16.91 -18.48
N LEU B 47 2.55 15.88 -17.75
CA LEU B 47 3.97 15.53 -17.83
C LEU B 47 4.39 15.18 -19.25
N ARG B 48 3.51 14.48 -19.98
CA ARG B 48 3.78 14.11 -21.35
C ARG B 48 3.93 15.37 -22.20
N ALA B 49 3.05 16.33 -22.00
CA ALA B 49 3.10 17.61 -22.71
C ALA B 49 4.35 18.40 -22.36
N GLN B 50 4.79 18.36 -21.11
CA GLN B 50 6.00 19.08 -20.75
C GLN B 50 7.27 18.40 -21.24
N ALA B 51 7.20 17.15 -21.69
CA ALA B 51 8.39 16.42 -22.08
C ALA B 51 8.61 16.53 -23.58
N ASP B 52 9.90 16.63 -23.95
CA ASP B 52 10.33 16.49 -25.33
C ASP B 52 10.21 15.04 -25.80
N ILE B 53 10.52 14.10 -24.91
CA ILE B 53 10.55 12.67 -25.23
C ILE B 53 9.86 11.94 -24.09
N ILE B 54 9.06 10.92 -24.43
CA ILE B 54 8.60 9.91 -23.47
C ILE B 54 9.25 8.59 -23.82
N LEU B 55 9.92 7.99 -22.84
CA LEU B 55 10.72 6.80 -23.07
C LEU B 55 10.10 5.65 -22.27
N ILE B 56 10.00 4.47 -22.90
CA ILE B 56 9.56 3.25 -22.23
C ILE B 56 10.43 2.09 -22.71
N GLY B 57 10.36 0.96 -21.97
CA GLY B 57 11.04 -0.26 -22.33
C GLY B 57 10.19 -1.18 -23.15
N ILE B 58 10.85 -2.08 -23.92
CA ILE B 58 10.10 -3.01 -24.77
C ILE B 58 9.14 -3.88 -23.95
N GLU B 59 9.52 -4.24 -22.72
CA GLU B 59 8.63 -5.09 -21.91
C GLU B 59 7.29 -4.43 -21.63
N THR B 60 7.31 -3.14 -21.25
CA THR B 60 6.06 -2.39 -21.09
C THR B 60 5.31 -2.30 -22.42
N ALA B 61 6.04 -2.08 -23.53
CA ALA B 61 5.38 -1.96 -24.81
C ALA B 61 4.61 -3.24 -25.14
N LEU B 62 5.28 -4.37 -24.96
CA LEU B 62 4.66 -5.66 -25.22
C LEU B 62 3.52 -5.95 -24.26
N ALA B 63 3.71 -5.61 -22.98
CA ALA B 63 2.68 -6.00 -22.02
C ALA B 63 1.44 -5.14 -22.12
N ASP B 64 1.59 -3.86 -22.49
CA ASP B 64 0.49 -2.90 -22.38
C ASP B 64 -0.05 -2.34 -23.69
N ASP B 65 0.65 -2.50 -24.80
CA ASP B 65 0.25 -1.94 -26.08
C ASP B 65 -0.19 -0.49 -25.92
N PRO B 66 0.66 0.37 -25.39
CA PRO B 66 0.26 1.75 -25.09
C PRO B 66 0.25 2.60 -26.37
N VAL B 67 -0.15 3.87 -26.19
CA VAL B 67 -0.13 4.87 -27.26
C VAL B 67 0.78 6.03 -26.94
N LEU B 68 0.78 6.49 -25.67
CA LEU B 68 1.74 7.47 -25.14
C LEU B 68 1.59 8.87 -25.78
N ASN B 69 0.35 9.27 -26.00
CA ASN B 69 0.07 10.60 -26.51
C ASN B 69 -0.55 11.43 -25.39
N CYS B 70 -0.64 12.73 -25.65
CA CYS B 70 -1.31 13.65 -24.75
C CYS B 70 -2.77 13.76 -25.13
N ARG B 71 -3.65 13.35 -24.22
CA ARG B 71 -5.07 13.36 -24.51
C ARG B 71 -5.78 14.49 -23.77
N LEU B 72 -5.05 15.47 -23.31
CA LEU B 72 -5.74 16.64 -22.82
C LEU B 72 -6.23 17.49 -23.99
N PRO B 73 -7.50 17.89 -24.02
CA PRO B 73 -7.99 18.73 -25.12
C PRO B 73 -7.23 20.05 -25.20
N GLY B 74 -6.77 20.37 -26.39
CA GLY B 74 -5.95 21.53 -26.63
C GLY B 74 -4.47 21.28 -26.48
N LEU B 75 -4.09 20.07 -26.06
CA LEU B 75 -2.69 19.71 -25.91
C LEU B 75 -2.31 18.49 -26.74
N GLU B 76 -3.26 17.90 -27.49
CA GLU B 76 -2.93 16.70 -28.25
C GLU B 76 -1.81 16.97 -29.22
N GLN B 77 -1.72 18.20 -29.75
CA GLN B 77 -0.60 18.54 -30.62
C GLN B 77 0.69 18.62 -29.84
N ARG B 78 0.63 18.47 -28.52
CA ARG B 78 1.88 18.46 -27.80
C ARG B 78 2.24 17.08 -27.30
N SER B 79 1.72 16.05 -27.92
CA SER B 79 2.21 14.69 -27.67
C SER B 79 3.69 14.59 -28.03
N PRO B 80 4.55 14.12 -27.12
CA PRO B 80 5.99 14.11 -27.42
C PRO B 80 6.38 12.98 -28.37
N VAL B 81 7.64 13.02 -28.81
CA VAL B 81 8.17 11.89 -29.54
C VAL B 81 8.25 10.72 -28.59
N ARG B 82 7.89 9.54 -29.08
CA ARG B 82 7.93 8.31 -28.30
C ARG B 82 9.20 7.54 -28.62
N VAL B 83 9.86 7.07 -27.59
CA VAL B 83 11.10 6.31 -27.69
C VAL B 83 10.89 4.99 -26.98
N VAL B 84 11.16 3.89 -27.68
CA VAL B 84 11.08 2.56 -27.08
C VAL B 84 12.46 1.93 -27.08
N LEU B 85 12.94 1.56 -25.89
CA LEU B 85 14.21 0.87 -25.73
C LEU B 85 14.01 -0.60 -26.11
N ASP B 86 14.55 -1.01 -27.26
CA ASP B 86 14.17 -2.30 -27.84
C ASP B 86 15.38 -2.91 -28.56
N GLY B 87 16.27 -3.53 -27.79
CA GLY B 87 17.52 -4.01 -28.35
C GLY B 87 17.35 -5.04 -29.45
N GLY B 88 16.32 -5.89 -29.36
CA GLY B 88 16.07 -6.90 -30.35
C GLY B 88 15.01 -6.57 -31.39
N LEU B 89 14.55 -5.33 -31.44
CA LEU B 89 13.49 -4.92 -32.37
C LEU B 89 12.32 -5.90 -32.34
N ARG B 90 11.87 -6.20 -31.12
CA ARG B 90 10.75 -7.10 -30.91
C ARG B 90 9.42 -6.37 -30.99
N LEU B 91 9.40 -5.06 -31.22
CA LEU B 91 8.14 -4.33 -31.26
C LEU B 91 7.29 -4.76 -32.43
N PRO B 92 6.08 -5.28 -32.21
CA PRO B 92 5.23 -5.71 -33.32
C PRO B 92 4.77 -4.55 -34.19
N LEU B 93 4.69 -4.81 -35.49
CA LEU B 93 4.14 -3.83 -36.42
C LEU B 93 2.65 -3.64 -36.22
N SER B 94 2.01 -4.57 -35.53
CA SER B 94 0.60 -4.46 -35.16
C SER B 94 0.38 -3.61 -33.91
N SER B 95 1.43 -3.35 -33.16
CA SER B 95 1.35 -2.48 -31.99
C SER B 95 0.58 -1.19 -32.31
N ARG B 96 -0.22 -0.73 -31.34
CA ARG B 96 -0.85 0.58 -31.43
C ARG B 96 0.18 1.68 -31.62
N LEU B 97 1.39 1.48 -31.09
CA LEU B 97 2.48 2.43 -31.26
C LEU B 97 2.85 2.57 -32.74
N VAL B 98 3.22 1.46 -33.38
CA VAL B 98 3.67 1.48 -34.78
C VAL B 98 2.54 1.94 -35.69
N ARG B 99 1.32 1.47 -35.43
CA ARG B 99 0.17 1.85 -36.24
C ARG B 99 -0.25 3.29 -36.03
N SER B 100 0.40 4.00 -35.12
CA SER B 100 0.18 5.42 -34.87
C SER B 100 1.31 6.31 -35.41
N ALA B 101 2.21 5.75 -36.22
CA ALA B 101 3.43 6.46 -36.60
C ALA B 101 3.20 7.74 -37.40
N ASP B 102 2.08 7.85 -38.15
CA ASP B 102 1.91 9.14 -38.87
C ASP B 102 1.54 10.27 -37.94
N THR B 103 0.88 9.96 -36.84
CA THR B 103 0.26 10.97 -35.99
C THR B 103 1.15 11.42 -34.84
N GLN B 104 2.19 10.63 -34.54
CA GLN B 104 3.11 10.97 -33.47
C GLN B 104 4.42 10.27 -33.77
N PRO B 105 5.55 10.95 -33.63
CA PRO B 105 6.84 10.30 -33.89
C PRO B 105 7.04 9.06 -33.03
N LEU B 106 7.67 8.06 -33.62
CA LEU B 106 8.02 6.84 -32.90
C LEU B 106 9.46 6.48 -33.26
N TRP B 107 10.34 6.54 -32.27
CA TRP B 107 11.72 6.13 -32.43
C TRP B 107 11.92 4.86 -31.62
N VAL B 108 12.51 3.87 -32.25
CA VAL B 108 12.81 2.58 -31.64
C VAL B 108 14.31 2.52 -31.52
N ALA B 109 14.78 2.36 -30.30
CA ALA B 109 16.21 2.36 -30.02
C ALA B 109 16.71 0.94 -30.09
N CYS B 110 17.84 0.79 -30.76
CA CYS B 110 18.46 -0.47 -31.12
C CYS B 110 19.91 -0.50 -30.71
N GLY B 111 20.43 -1.73 -30.59
CA GLY B 111 21.87 -1.97 -30.47
C GLY B 111 22.56 -1.88 -31.85
N GLU B 112 23.89 -2.09 -31.91
CA GLU B 112 24.50 -2.02 -33.27
C GLU B 112 24.33 -3.30 -34.10
N GLU B 113 23.48 -4.24 -33.65
CA GLU B 113 23.51 -5.66 -33.98
C GLU B 113 22.21 -6.23 -34.52
N ALA B 114 21.11 -5.52 -34.31
CA ALA B 114 19.81 -6.11 -34.61
C ALA B 114 19.68 -6.30 -36.13
N PRO B 115 19.06 -7.38 -36.57
CA PRO B 115 19.03 -7.67 -38.02
C PRO B 115 18.38 -6.54 -38.80
N ASP B 116 18.94 -6.28 -40.00
CA ASP B 116 18.49 -5.18 -40.87
C ASP B 116 17.07 -5.39 -41.36
N GLU B 117 16.59 -6.62 -41.24
CA GLU B 117 15.24 -6.98 -41.66
C GLU B 117 14.16 -6.33 -40.84
N ARG B 118 14.37 -6.21 -39.53
CA ARG B 118 13.37 -5.53 -38.72
C ARG B 118 13.55 -4.04 -38.70
N ARG B 119 14.73 -3.54 -39.05
CA ARG B 119 14.91 -2.11 -39.23
C ARG B 119 14.08 -1.60 -40.40
N ALA B 120 14.05 -2.34 -41.51
CA ALA B 120 13.35 -1.85 -42.68
C ALA B 120 11.84 -1.92 -42.50
N ALA B 121 11.36 -3.03 -41.90
CA ALA B 121 9.92 -3.18 -41.70
C ALA B 121 9.35 -2.06 -40.84
N LEU B 122 10.04 -1.70 -39.76
CA LEU B 122 9.55 -0.59 -38.96
C LEU B 122 9.70 0.73 -39.71
N GLY B 123 10.76 0.87 -40.50
CA GLY B 123 10.93 2.07 -41.30
C GLY B 123 9.74 2.30 -42.23
N ALA B 124 9.27 1.22 -42.85
CA ALA B 124 8.15 1.34 -43.79
C ALA B 124 6.86 1.68 -43.05
N ALA B 125 6.74 1.30 -41.78
CA ALA B 125 5.56 1.63 -40.99
C ALA B 125 5.60 3.04 -40.41
N GLY B 126 6.69 3.78 -40.60
CA GLY B 126 6.81 5.14 -40.15
C GLY B 126 7.70 5.37 -38.95
N CYS B 127 8.44 4.36 -38.50
CA CYS B 127 9.32 4.52 -37.34
C CYS B 127 10.74 4.94 -37.74
N ARG B 128 11.30 5.88 -37.00
CA ARG B 128 12.73 6.12 -37.03
C ARG B 128 13.44 5.12 -36.12
N ILE B 129 14.53 4.58 -36.61
CA ILE B 129 15.35 3.65 -35.84
C ILE B 129 16.49 4.45 -35.25
N LEU B 130 16.66 4.36 -33.93
CA LEU B 130 17.71 5.10 -33.23
C LEU B 130 18.84 4.16 -32.87
N ALA B 131 20.03 4.40 -33.43
CA ALA B 131 21.21 3.59 -33.13
C ALA B 131 21.76 3.94 -31.75
N THR B 132 22.00 2.95 -30.89
CA THR B 132 22.55 3.19 -29.56
C THR B 132 23.73 2.27 -29.29
N GLU B 133 24.48 2.54 -28.22
CA GLU B 133 25.67 1.76 -27.91
C GLU B 133 25.27 0.73 -26.85
N THR B 134 25.84 -0.47 -26.92
CA THR B 134 25.42 -1.61 -26.09
C THR B 134 26.45 -1.94 -25.01
N HIS B 135 26.11 -2.93 -24.19
CA HIS B 135 27.06 -3.69 -23.33
C HIS B 135 26.64 -5.17 -23.22
N ILE B 139 22.76 -1.95 -23.22
CA ILE B 139 22.35 -0.72 -23.91
C ILE B 139 22.60 0.49 -22.99
N ALA B 140 23.50 1.36 -23.43
CA ALA B 140 24.12 2.36 -22.57
C ALA B 140 23.24 3.60 -22.41
N LEU B 141 22.66 3.75 -21.21
CA LEU B 141 21.76 4.87 -20.96
C LEU B 141 22.50 6.21 -20.95
N PRO B 142 23.65 6.37 -20.28
CA PRO B 142 24.29 7.70 -20.28
C PRO B 142 24.59 8.21 -21.68
N GLU B 143 25.07 7.33 -22.55
CA GLU B 143 25.38 7.68 -23.93
C GLU B 143 24.13 7.98 -24.76
N LEU B 144 23.03 7.27 -24.48
CA LEU B 144 21.77 7.56 -25.18
C LEU B 144 21.27 8.96 -24.85
N LEU B 145 21.42 9.40 -23.60
CA LEU B 145 21.00 10.74 -23.22
C LEU B 145 21.87 11.83 -23.83
N ASP B 146 23.18 11.58 -23.96
CA ASP B 146 24.04 12.53 -24.66
C ASP B 146 23.67 12.60 -26.13
N ASP B 147 23.39 11.45 -26.74
CA ASP B 147 22.94 11.45 -28.12
C ASP B 147 21.64 12.25 -28.25
N LEU B 148 20.73 12.09 -27.29
CA LEU B 148 19.47 12.80 -27.31
C LEU B 148 19.67 14.30 -27.13
N ALA B 149 20.58 14.70 -26.24
CA ALA B 149 20.88 16.11 -26.06
C ALA B 149 21.47 16.70 -27.34
N ALA B 150 22.27 15.90 -28.06
CA ALA B 150 22.85 16.26 -29.34
C ALA B 150 21.79 16.48 -30.41
N GLN B 151 20.60 15.93 -30.23
CA GLN B 151 19.49 16.17 -31.15
C GLN B 151 18.50 17.22 -30.61
N GLY B 152 18.89 18.02 -29.61
CA GLY B 152 18.04 19.09 -29.10
C GLY B 152 17.04 18.74 -28.01
N ILE B 153 17.12 17.54 -27.43
CA ILE B 153 16.15 17.08 -26.43
C ILE B 153 16.47 17.74 -25.09
N ALA B 154 15.51 18.46 -24.54
CA ALA B 154 15.77 19.11 -23.28
C ALA B 154 15.22 18.37 -22.07
N SER B 155 14.27 17.45 -22.25
CA SER B 155 13.69 16.76 -21.10
C SER B 155 13.11 15.41 -21.52
N VAL B 156 13.38 14.38 -20.70
CA VAL B 156 12.93 13.02 -20.95
C VAL B 156 12.00 12.65 -19.80
N LEU B 157 10.81 12.12 -20.15
CA LEU B 157 9.85 11.54 -19.23
C LEU B 157 9.97 10.02 -19.38
N VAL B 158 10.44 9.35 -18.34
CA VAL B 158 10.58 7.89 -18.39
C VAL B 158 9.37 7.29 -17.67
N GLU B 159 8.54 6.52 -18.40
CA GLU B 159 7.40 5.82 -17.81
C GLU B 159 7.81 4.36 -17.69
N GLY B 160 8.57 4.10 -16.64
CA GLY B 160 9.26 2.85 -16.55
C GLY B 160 8.36 1.74 -16.02
N GLY B 161 8.54 0.55 -16.60
CA GLY B 161 8.34 -0.69 -15.91
C GLY B 161 9.58 -0.91 -15.09
N ALA B 162 9.64 -2.09 -14.46
CA ALA B 162 10.75 -2.36 -13.55
C ALA B 162 12.09 -2.29 -14.27
N GLY B 163 12.14 -2.74 -15.52
CA GLY B 163 13.44 -2.76 -16.18
C GLY B 163 14.08 -1.40 -16.32
N VAL B 164 13.44 -0.48 -17.04
CA VAL B 164 14.08 0.82 -17.25
C VAL B 164 14.09 1.63 -15.97
N ALA B 165 13.03 1.52 -15.15
CA ALA B 165 13.03 2.25 -13.89
C ALA B 165 14.23 1.84 -13.04
N LYS B 166 14.51 0.53 -12.97
CA LYS B 166 15.67 0.10 -12.19
C LYS B 166 16.97 0.60 -12.81
N SER B 167 17.05 0.61 -14.15
CA SER B 167 18.29 0.96 -14.86
C SER B 167 18.61 2.45 -14.78
N PHE B 168 17.60 3.30 -14.97
CA PHE B 168 17.83 4.75 -14.85
C PHE B 168 18.19 5.10 -13.41
N LEU B 169 17.54 4.45 -12.45
CA LEU B 169 17.82 4.74 -11.05
C LEU B 169 19.16 4.19 -10.63
N ASP B 170 19.51 2.97 -11.07
CA ASP B 170 20.81 2.41 -10.69
C ASP B 170 21.96 3.25 -11.24
N GLU B 171 21.88 3.71 -12.49
CA GLU B 171 22.93 4.55 -13.04
C GLU B 171 22.75 6.05 -12.73
N LYS B 172 21.84 6.39 -11.81
CA LYS B 172 21.70 7.72 -11.21
C LYS B 172 21.40 8.80 -12.23
N LEU B 173 20.48 8.50 -13.16
CA LEU B 173 20.13 9.42 -14.21
C LEU B 173 18.79 10.11 -13.98
N VAL B 174 18.22 10.01 -12.79
CA VAL B 174 16.89 10.56 -12.48
C VAL B 174 17.04 11.84 -11.65
N ASP B 175 16.50 12.96 -12.16
CA ASP B 175 16.52 14.22 -11.40
C ASP B 175 15.28 14.39 -10.52
N ARG B 176 14.14 13.96 -11.02
CA ARG B 176 12.87 14.04 -10.34
C ARG B 176 12.14 12.72 -10.39
N LEU B 177 11.46 12.35 -9.31
CA LEU B 177 10.74 11.09 -9.23
C LEU B 177 9.30 11.37 -8.86
N ILE B 178 8.36 10.87 -9.65
CA ILE B 178 6.94 11.07 -9.41
C ILE B 178 6.29 9.71 -9.28
N ILE B 179 5.66 9.45 -8.14
CA ILE B 179 5.07 8.15 -7.86
C ILE B 179 3.58 8.28 -7.57
N PHE B 180 2.77 7.76 -8.47
CA PHE B 180 1.34 7.67 -8.26
C PHE B 180 1.08 6.31 -7.63
N ARG B 181 0.27 6.28 -6.58
CA ARG B 181 0.03 5.04 -5.82
C ARG B 181 -1.44 4.68 -5.82
N SER B 182 -1.76 3.49 -6.36
CA SER B 182 -3.07 2.88 -6.29
C SER B 182 -3.38 2.37 -4.85
N PRO B 183 -4.63 2.48 -4.42
CA PRO B 183 -5.02 1.91 -3.12
C PRO B 183 -5.17 0.40 -3.14
N LEU B 184 -5.00 -0.26 -4.27
CA LEU B 184 -5.26 -1.69 -4.37
C LEU B 184 -3.94 -2.45 -4.22
N VAL B 185 -4.04 -3.72 -3.75
CA VAL B 185 -2.89 -4.60 -3.53
C VAL B 185 -2.77 -5.54 -4.71
N ILE B 186 -1.55 -5.76 -5.18
CA ILE B 186 -1.34 -6.70 -6.29
C ILE B 186 -0.99 -8.09 -5.78
N GLY B 187 -0.15 -8.18 -4.75
CA GLY B 187 0.27 -9.48 -4.26
C GLY B 187 1.67 -9.87 -4.68
N ALA B 188 2.40 -10.53 -3.78
CA ALA B 188 3.77 -10.99 -4.04
C ALA B 188 3.86 -12.10 -5.08
N ALA B 189 2.78 -12.81 -5.38
CA ALA B 189 2.84 -13.92 -6.33
C ALA B 189 3.07 -13.44 -7.75
N ASP B 190 2.36 -12.39 -8.16
CA ASP B 190 2.43 -11.91 -9.51
C ASP B 190 3.00 -10.51 -9.60
N GLY B 191 3.32 -9.88 -8.47
CA GLY B 191 3.75 -8.49 -8.50
C GLY B 191 5.23 -8.37 -8.81
N VAL B 192 5.56 -7.34 -9.58
CA VAL B 192 6.94 -7.02 -9.88
C VAL B 192 7.22 -5.68 -9.24
N ALA B 193 8.31 -5.60 -8.49
CA ALA B 193 8.70 -4.38 -7.80
C ALA B 193 9.90 -3.77 -8.50
N VAL B 194 10.12 -2.47 -8.21
CA VAL B 194 11.35 -1.82 -8.64
C VAL B 194 12.38 -2.11 -7.58
N GLU B 195 13.35 -2.92 -7.93
CA GLU B 195 14.33 -3.35 -6.96
C GLU B 195 15.36 -2.29 -6.65
N GLY B 196 15.50 -1.99 -5.36
CA GLY B 196 16.32 -0.89 -4.88
C GLY B 196 15.62 0.47 -4.86
N LEU B 197 14.33 0.55 -5.21
CA LEU B 197 13.64 1.86 -5.25
C LEU B 197 13.69 2.56 -3.89
N GLU B 198 13.28 1.86 -2.83
CA GLU B 198 13.18 2.52 -1.53
C GLU B 198 14.53 2.97 -1.00
N THR B 199 15.61 2.23 -1.26
CA THR B 199 16.92 2.68 -0.80
C THR B 199 17.40 3.87 -1.63
N HIS B 200 17.12 3.88 -2.94
CA HIS B 200 17.49 5.04 -3.76
C HIS B 200 16.82 6.31 -3.26
N ILE B 201 15.53 6.24 -2.88
CA ILE B 201 14.79 7.39 -2.35
C ILE B 201 15.37 7.84 -1.00
N ALA B 202 15.64 6.88 -0.11
CA ALA B 202 16.25 7.23 1.18
C ALA B 202 17.64 7.84 0.98
N SER B 203 18.40 7.32 0.01
CA SER B 203 19.78 7.75 -0.17
C SER B 203 19.91 9.02 -1.02
N GLU B 204 19.12 9.20 -2.09
CA GLU B 204 19.38 10.27 -3.05
C GLU B 204 18.26 11.31 -3.21
N PHE B 205 17.12 11.18 -2.53
CA PHE B 205 15.95 12.02 -2.80
C PHE B 205 15.34 12.61 -1.54
N LYS B 206 14.71 13.79 -1.69
CA LYS B 206 13.86 14.46 -0.70
C LYS B 206 12.43 14.56 -1.24
N ILE B 207 11.44 14.41 -0.35
CA ILE B 207 10.05 14.61 -0.74
C ILE B 207 9.84 16.10 -1.05
N LEU B 208 9.09 16.39 -2.12
CA LEU B 208 8.81 17.77 -2.55
C LEU B 208 7.36 18.18 -2.34
N ARG B 209 6.46 17.31 -2.77
CA ARG B 209 5.04 17.48 -2.53
C ARG B 209 4.41 16.10 -2.39
N ARG B 210 3.33 16.03 -1.61
CA ARG B 210 2.59 14.79 -1.48
C ARG B 210 1.09 15.07 -1.46
N MET B 211 0.35 14.34 -2.29
CA MET B 211 -1.11 14.34 -2.25
C MET B 211 -1.54 13.04 -1.57
N ARG B 212 -2.12 13.13 -0.35
CA ARG B 212 -2.37 11.91 0.42
C ARG B 212 -3.72 11.30 0.16
N TYR B 213 -4.63 12.03 -0.47
CA TYR B 213 -5.98 11.51 -0.68
C TYR B 213 -5.88 10.16 -1.34
N ALA B 214 -6.61 9.19 -0.80
CA ALA B 214 -6.32 7.79 -1.11
C ALA B 214 -6.71 7.42 -2.52
N ASP B 215 -7.74 8.03 -3.08
CA ASP B 215 -8.15 7.72 -4.44
C ASP B 215 -7.42 8.56 -5.48
N ASP B 216 -6.41 9.32 -5.06
CA ASP B 216 -5.69 10.19 -6.00
C ASP B 216 -4.29 10.51 -5.46
N ALA B 217 -3.57 9.50 -5.01
CA ALA B 217 -2.37 9.71 -4.23
C ALA B 217 -1.11 9.79 -5.10
N CYS B 218 -0.23 10.68 -4.68
CA CYS B 218 0.97 11.03 -5.41
C CYS B 218 2.01 11.55 -4.43
N ALA B 219 3.26 11.21 -4.70
CA ALA B 219 4.40 11.82 -4.03
C ALA B 219 5.43 12.18 -5.09
N GLU B 220 6.04 13.37 -4.99
CA GLU B 220 7.12 13.81 -5.85
C GLU B 220 8.39 14.01 -5.03
N TYR B 221 9.54 13.67 -5.61
CA TYR B 221 10.85 13.76 -4.98
C TYR B 221 11.84 14.42 -5.92
N VAL B 222 12.85 15.11 -5.37
CA VAL B 222 13.95 15.67 -6.16
C VAL B 222 15.27 15.14 -5.63
N ARG B 223 16.27 15.01 -6.51
CA ARG B 223 17.56 14.50 -6.08
C ARG B 223 18.28 15.54 -5.23
N ASN B 224 18.98 15.06 -4.19
CA ASN B 224 19.52 15.90 -3.13
C ASN B 224 20.46 16.99 -3.63
N THR B 225 21.24 16.70 -4.65
CA THR B 225 22.31 17.60 -5.07
C THR B 225 21.82 18.98 -5.52
N ARG C 10 12.78 -20.02 -3.87
CA ARG C 10 12.35 -21.23 -3.09
C ARG C 10 11.05 -21.00 -2.34
N PRO C 11 10.15 -21.97 -2.32
CA PRO C 11 8.88 -21.77 -1.62
C PRO C 11 9.10 -21.75 -0.11
N GLU C 12 8.16 -21.13 0.61
CA GLU C 12 8.23 -21.23 2.08
C GLU C 12 8.02 -22.68 2.51
N VAL C 13 8.88 -23.21 3.38
CA VAL C 13 8.72 -24.59 3.84
C VAL C 13 8.29 -24.56 5.32
N ILE C 14 7.07 -25.07 5.57
CA ILE C 14 6.50 -25.22 6.90
C ILE C 14 6.59 -26.71 7.28
N LEU C 15 7.27 -27.04 8.38
CA LEU C 15 7.33 -28.42 8.89
C LEU C 15 6.38 -28.53 10.09
N LYS C 16 5.36 -29.36 9.97
CA LYS C 16 4.37 -29.52 11.00
C LYS C 16 4.55 -30.91 11.64
N LEU C 17 4.80 -30.94 12.93
CA LEU C 17 5.09 -32.20 13.63
C LEU C 17 3.99 -32.45 14.66
N ALA C 18 3.49 -33.68 14.75
CA ALA C 18 2.53 -33.99 15.80
C ALA C 18 3.28 -34.91 16.77
N LEU C 19 3.56 -34.44 17.99
CA LEU C 19 4.38 -35.19 18.94
C LEU C 19 3.54 -35.63 20.11
N SER C 20 4.02 -36.69 20.79
CA SER C 20 3.37 -37.03 22.04
C SER C 20 3.84 -36.08 23.13
N ALA C 21 3.21 -36.21 24.30
CA ALA C 21 3.58 -35.40 25.46
C ALA C 21 5.05 -35.57 25.81
N ASP C 22 5.59 -36.77 25.63
CA ASP C 22 6.99 -37.01 25.94
C ASP C 22 7.89 -36.89 24.72
N GLY C 23 7.40 -36.29 23.63
CA GLY C 23 8.24 -35.88 22.50
C GLY C 23 8.46 -36.90 21.41
N MET C 24 7.64 -37.95 21.33
CA MET C 24 7.79 -38.98 20.30
C MET C 24 6.98 -38.62 19.07
N ILE C 25 7.54 -38.89 17.88
CA ILE C 25 6.79 -38.65 16.64
C ILE C 25 5.99 -39.86 16.20
N GLY C 26 6.12 -41.00 16.89
CA GLY C 26 5.28 -42.14 16.62
C GLY C 26 5.67 -43.29 17.53
N ARG C 27 4.93 -44.37 17.41
CA ARG C 27 5.27 -45.59 18.10
C ARG C 27 5.79 -46.62 17.11
N LYS C 28 6.73 -47.46 17.59
CA LYS C 28 7.41 -48.39 16.71
C LYS C 28 6.43 -49.32 15.99
N GLY C 29 5.41 -49.81 16.70
CA GLY C 29 4.46 -50.74 16.12
C GLY C 29 3.18 -50.18 15.54
N ALA C 30 3.14 -48.87 15.29
CA ALA C 30 1.90 -48.26 14.83
C ALA C 30 2.21 -47.09 13.90
N GLY C 31 1.33 -46.10 13.88
CA GLY C 31 1.38 -44.94 13.00
C GLY C 31 1.87 -43.70 13.72
N GLN C 32 1.27 -42.57 13.38
CA GLN C 32 1.66 -41.26 13.90
C GLN C 32 0.86 -40.86 15.13
N VAL C 33 1.42 -39.92 15.89
CA VAL C 33 0.73 -39.38 17.05
C VAL C 33 -0.45 -38.55 16.58
N ALA C 34 -1.65 -38.90 17.03
CA ALA C 34 -2.85 -38.18 16.66
C ALA C 34 -2.93 -36.83 17.40
N ILE C 35 -3.40 -35.81 16.71
CA ILE C 35 -3.71 -34.55 17.37
C ILE C 35 -5.18 -34.60 17.76
N THR C 36 -5.48 -34.34 19.02
CA THR C 36 -6.87 -34.42 19.45
C THR C 36 -7.45 -33.11 19.99
N GLY C 37 -6.61 -32.15 20.40
CA GLY C 37 -7.13 -30.88 20.86
C GLY C 37 -7.85 -30.11 19.74
N PRO C 38 -8.97 -29.45 20.06
CA PRO C 38 -9.78 -28.83 18.99
C PRO C 38 -9.09 -27.70 18.28
N VAL C 39 -8.36 -26.83 19.00
CA VAL C 39 -7.66 -25.73 18.34
C VAL C 39 -6.56 -26.26 17.47
N SER C 40 -5.84 -27.28 17.98
CA SER C 40 -4.73 -27.80 17.22
C SER C 40 -5.22 -28.47 15.96
N ARG C 41 -6.37 -29.10 16.02
CA ARG C 41 -6.90 -29.77 14.84
C ARG C 41 -7.37 -28.76 13.82
N ALA C 42 -8.05 -27.71 14.27
CA ALA C 42 -8.49 -26.67 13.33
C ALA C 42 -7.29 -26.02 12.64
N GLN C 43 -6.28 -25.66 13.43
CA GLN C 43 -5.05 -25.10 12.88
C GLN C 43 -4.38 -26.06 11.90
N SER C 44 -4.43 -27.37 12.17
CA SER C 44 -3.75 -28.26 11.24
C SER C 44 -4.40 -28.19 9.84
N HIS C 45 -5.73 -28.09 9.79
CA HIS C 45 -6.46 -28.05 8.53
C HIS C 45 -6.39 -26.68 7.85
N ILE C 46 -6.26 -25.62 8.64
CA ILE C 46 -6.05 -24.31 8.02
C ILE C 46 -4.66 -24.24 7.39
N LEU C 47 -3.65 -24.90 8.01
CA LEU C 47 -2.33 -24.97 7.39
C LEU C 47 -2.36 -25.66 6.02
N ARG C 48 -3.13 -26.74 5.90
CA ARG C 48 -3.28 -27.43 4.62
C ARG C 48 -3.95 -26.51 3.58
N ALA C 49 -4.99 -25.78 4.00
CA ALA C 49 -5.69 -24.83 3.11
C ALA C 49 -4.79 -23.70 2.64
N GLN C 50 -3.85 -23.26 3.47
CA GLN C 50 -2.90 -22.22 3.12
C GLN C 50 -1.75 -22.76 2.28
N ALA C 51 -1.55 -24.06 2.22
CA ALA C 51 -0.38 -24.57 1.52
C ALA C 51 -0.72 -24.78 0.04
N ASP C 52 0.27 -24.57 -0.81
CA ASP C 52 0.20 -25.00 -2.20
C ASP C 52 0.37 -26.51 -2.34
N ILE C 53 1.24 -27.11 -1.52
CA ILE C 53 1.60 -28.55 -1.56
C ILE C 53 1.67 -29.10 -0.13
N ILE C 54 1.16 -30.33 0.09
CA ILE C 54 1.42 -31.09 1.30
C ILE C 54 2.35 -32.23 0.92
N LEU C 55 3.46 -32.37 1.64
CA LEU C 55 4.47 -33.34 1.31
C LEU C 55 4.66 -34.30 2.47
N ILE C 56 4.72 -35.60 2.17
CA ILE C 56 5.07 -36.59 3.19
C ILE C 56 5.99 -37.61 2.53
N GLY C 57 6.64 -38.39 3.35
CA GLY C 57 7.47 -39.47 2.85
C GLY C 57 6.72 -40.79 2.75
N ILE C 58 7.28 -41.70 1.94
CA ILE C 58 6.61 -42.98 1.72
C ILE C 58 6.35 -43.71 3.03
N GLU C 59 7.20 -43.53 4.03
CA GLU C 59 7.01 -44.25 5.29
C GLU C 59 5.72 -43.86 6.01
N THR C 60 5.39 -42.55 6.05
CA THR C 60 4.09 -42.14 6.57
C THR C 60 2.98 -42.65 5.67
N ALA C 61 3.17 -42.67 4.35
CA ALA C 61 2.09 -43.15 3.51
C ALA C 61 1.74 -44.61 3.84
N LEU C 62 2.75 -45.50 3.88
CA LEU C 62 2.47 -46.91 4.16
C LEU C 62 1.90 -47.12 5.58
N ALA C 63 2.45 -46.43 6.60
CA ALA C 63 2.03 -46.65 7.97
C ALA C 63 0.68 -46.02 8.35
N ASP C 64 0.29 -44.90 7.74
CA ASP C 64 -0.87 -44.16 8.21
C ASP C 64 -2.03 -44.13 7.23
N ASP C 65 -1.84 -44.52 5.98
CA ASP C 65 -2.87 -44.42 4.95
C ASP C 65 -3.55 -43.07 5.03
N PRO C 66 -2.80 -41.98 4.98
CA PRO C 66 -3.42 -40.65 5.14
C PRO C 66 -4.10 -40.21 3.84
N VAL C 67 -4.85 -39.10 3.93
CA VAL C 67 -5.54 -38.65 2.73
C VAL C 67 -5.06 -37.23 2.39
N LEU C 68 -4.72 -36.46 3.44
CA LEU C 68 -4.03 -35.18 3.31
C LEU C 68 -4.91 -34.12 2.62
N ASN C 69 -6.21 -34.08 2.90
CA ASN C 69 -7.04 -33.02 2.38
C ASN C 69 -7.48 -32.06 3.51
N CYS C 70 -8.10 -30.95 3.12
CA CYS C 70 -8.65 -29.96 4.05
C CYS C 70 -10.11 -30.29 4.39
N ARG C 71 -10.41 -30.55 5.66
CA ARG C 71 -11.78 -30.92 6.04
C ARG C 71 -12.50 -29.83 6.84
N LEU C 72 -11.99 -28.62 6.82
CA LEU C 72 -12.76 -27.52 7.41
C LEU C 72 -13.93 -27.15 6.50
N PRO C 73 -15.14 -27.01 7.03
CA PRO C 73 -16.29 -26.60 6.21
C PRO C 73 -16.04 -25.28 5.50
N GLY C 74 -16.30 -25.25 4.19
CA GLY C 74 -16.04 -24.09 3.36
C GLY C 74 -14.66 -24.06 2.78
N LEU C 75 -13.76 -24.97 3.19
CA LEU C 75 -12.40 -24.97 2.67
C LEU C 75 -12.05 -26.26 1.95
N GLU C 76 -13.00 -27.17 1.79
CA GLU C 76 -12.71 -28.43 1.15
C GLU C 76 -12.14 -28.22 -0.25
N GLN C 77 -12.53 -27.14 -0.92
CA GLN C 77 -12.02 -26.80 -2.24
C GLN C 77 -10.60 -26.25 -2.24
N ARG C 78 -10.00 -25.95 -1.08
CA ARG C 78 -8.63 -25.47 -1.10
C ARG C 78 -7.62 -26.57 -0.75
N SER C 79 -8.04 -27.83 -0.88
CA SER C 79 -7.15 -28.96 -0.64
C SER C 79 -5.99 -28.94 -1.63
N PRO C 80 -4.77 -28.92 -1.15
CA PRO C 80 -3.60 -28.72 -2.02
C PRO C 80 -3.16 -29.93 -2.84
N VAL C 81 -2.15 -29.69 -3.68
CA VAL C 81 -1.40 -30.76 -4.34
C VAL C 81 -0.67 -31.59 -3.29
N ARG C 82 -0.78 -32.90 -3.37
CA ARG C 82 -0.06 -33.78 -2.45
C ARG C 82 1.16 -34.39 -3.12
N VAL C 83 2.28 -34.41 -2.41
CA VAL C 83 3.52 -34.95 -2.96
C VAL C 83 4.02 -36.00 -2.00
N VAL C 84 4.27 -37.20 -2.52
CA VAL C 84 4.82 -38.31 -1.75
C VAL C 84 6.21 -38.60 -2.27
N LEU C 85 7.20 -38.59 -1.37
CA LEU C 85 8.60 -38.87 -1.70
C LEU C 85 8.73 -40.38 -1.74
N ASP C 86 8.86 -40.96 -2.94
CA ASP C 86 8.79 -42.42 -3.08
C ASP C 86 9.73 -42.84 -4.23
N GLY C 87 11.00 -43.05 -3.89
CA GLY C 87 12.02 -43.39 -4.88
C GLY C 87 11.75 -44.69 -5.62
N GLY C 88 11.13 -45.66 -4.95
CA GLY C 88 10.81 -46.93 -5.56
C GLY C 88 9.39 -47.05 -6.08
N LEU C 89 8.61 -45.97 -6.08
CA LEU C 89 7.22 -46.02 -6.51
C LEU C 89 6.46 -47.15 -5.81
N ARG C 90 6.65 -47.27 -4.51
CA ARG C 90 5.99 -48.29 -3.69
C ARG C 90 4.63 -47.86 -3.12
N LEU C 91 4.10 -46.72 -3.52
CA LEU C 91 2.81 -46.29 -2.95
C LEU C 91 1.73 -47.29 -3.35
N PRO C 92 1.00 -47.88 -2.39
CA PRO C 92 -0.03 -48.87 -2.74
C PRO C 92 -1.12 -48.28 -3.60
N LEU C 93 -1.51 -49.03 -4.61
CA LEU C 93 -2.58 -48.53 -5.48
C LEU C 93 -3.94 -48.52 -4.78
N SER C 94 -4.05 -49.23 -3.64
CA SER C 94 -5.21 -49.25 -2.77
C SER C 94 -5.23 -48.16 -1.68
N SER C 95 -4.14 -47.41 -1.46
CA SER C 95 -4.09 -46.28 -0.54
C SER C 95 -5.25 -45.30 -0.77
N ARG C 96 -5.69 -44.64 0.28
CA ARG C 96 -6.63 -43.52 0.07
C ARG C 96 -6.04 -42.44 -0.84
N LEU C 97 -4.72 -42.23 -0.76
CA LEU C 97 -4.07 -41.26 -1.67
C LEU C 97 -4.28 -41.63 -3.11
N VAL C 98 -3.79 -42.81 -3.51
CA VAL C 98 -3.91 -43.19 -4.91
C VAL C 98 -5.36 -43.29 -5.33
N ARG C 99 -6.25 -43.80 -4.45
CA ARG C 99 -7.62 -43.92 -4.96
C ARG C 99 -8.33 -42.56 -5.11
N SER C 100 -7.76 -41.46 -4.62
CA SER C 100 -8.37 -40.14 -4.80
C SER C 100 -7.60 -39.23 -5.78
N ALA C 101 -6.68 -39.81 -6.58
CA ALA C 101 -5.81 -39.00 -7.42
C ALA C 101 -6.57 -38.24 -8.49
N ASP C 102 -7.76 -38.69 -8.89
CA ASP C 102 -8.61 -37.91 -9.80
C ASP C 102 -9.29 -36.72 -9.16
N THR C 103 -9.52 -36.72 -7.84
CA THR C 103 -10.21 -35.59 -7.25
C THR C 103 -9.29 -34.61 -6.55
N GLN C 104 -8.03 -34.94 -6.30
CA GLN C 104 -7.11 -34.00 -5.64
C GLN C 104 -5.75 -34.41 -6.19
N PRO C 105 -4.92 -33.45 -6.58
CA PRO C 105 -3.67 -33.81 -7.22
C PRO C 105 -2.84 -34.71 -6.34
N LEU C 106 -2.20 -35.69 -6.97
CA LEU C 106 -1.29 -36.61 -6.29
C LEU C 106 -0.08 -36.67 -7.18
N TRP C 107 1.04 -36.19 -6.69
CA TRP C 107 2.28 -36.26 -7.44
C TRP C 107 3.17 -37.19 -6.65
N VAL C 108 3.76 -38.17 -7.32
CA VAL C 108 4.63 -39.13 -6.63
C VAL C 108 6.03 -38.89 -7.15
N ALA C 109 6.95 -38.60 -6.25
CA ALA C 109 8.29 -38.19 -6.61
C ALA C 109 9.22 -39.39 -6.64
N CYS C 110 9.88 -39.58 -7.77
CA CYS C 110 10.76 -40.74 -7.86
C CYS C 110 11.96 -40.36 -8.70
N GLY C 111 13.02 -41.10 -8.49
CA GLY C 111 14.07 -41.05 -9.44
C GLY C 111 13.73 -41.85 -10.68
N GLU C 112 14.74 -41.94 -11.48
CA GLU C 112 14.97 -42.57 -12.76
C GLU C 112 15.29 -44.06 -12.68
N GLU C 113 15.23 -44.61 -11.48
CA GLU C 113 15.56 -45.98 -11.18
C GLU C 113 14.30 -46.80 -10.92
N ALA C 114 13.13 -46.09 -10.75
CA ALA C 114 11.87 -46.70 -10.37
C ALA C 114 11.36 -47.53 -11.54
N PRO C 115 10.79 -48.71 -11.28
CA PRO C 115 10.38 -49.59 -12.38
C PRO C 115 9.31 -48.96 -13.25
N ASP C 116 9.40 -49.21 -14.55
CA ASP C 116 8.47 -48.60 -15.49
C ASP C 116 7.06 -49.14 -15.42
N GLU C 117 6.79 -50.39 -15.04
CA GLU C 117 5.35 -50.65 -15.08
C GLU C 117 4.67 -50.00 -13.83
N ARG C 118 5.41 -49.87 -12.72
CA ARG C 118 4.78 -49.17 -11.60
C ARG C 118 4.57 -47.70 -11.91
N ARG C 119 5.38 -47.13 -12.81
CA ARG C 119 5.05 -45.82 -13.33
C ARG C 119 3.73 -45.87 -14.08
N ALA C 120 3.56 -46.91 -14.91
CA ALA C 120 2.38 -46.97 -15.78
C ALA C 120 1.12 -47.24 -14.97
N ALA C 121 1.21 -48.14 -13.99
CA ALA C 121 0.06 -48.41 -13.13
C ALA C 121 -0.35 -47.16 -12.36
N LEU C 122 0.62 -46.45 -11.82
CA LEU C 122 0.32 -45.25 -11.06
C LEU C 122 -0.19 -44.15 -11.98
N GLY C 123 0.39 -44.06 -13.19
CA GLY C 123 -0.09 -43.10 -14.18
C GLY C 123 -1.53 -43.35 -14.58
N ALA C 124 -1.91 -44.63 -14.69
CA ALA C 124 -3.29 -44.96 -15.07
C ALA C 124 -4.28 -44.62 -13.97
N ALA C 125 -3.83 -44.59 -12.70
CA ALA C 125 -4.71 -44.23 -11.58
C ALA C 125 -4.92 -42.73 -11.45
N GLY C 126 -4.25 -41.93 -12.27
CA GLY C 126 -4.44 -40.50 -12.28
C GLY C 126 -3.35 -39.73 -11.58
N CYS C 127 -2.31 -40.41 -11.12
CA CYS C 127 -1.18 -39.80 -10.45
C CYS C 127 -0.24 -39.22 -11.48
N ARG C 128 0.30 -38.05 -11.18
CA ARG C 128 1.46 -37.54 -11.90
C ARG C 128 2.71 -38.14 -11.30
N ILE C 129 3.63 -38.54 -12.17
CA ILE C 129 4.94 -39.01 -11.74
C ILE C 129 5.89 -37.85 -11.88
N LEU C 130 6.44 -37.41 -10.77
CA LEU C 130 7.29 -36.24 -10.75
C LEU C 130 8.73 -36.71 -10.74
N ALA C 131 9.43 -36.42 -11.84
CA ALA C 131 10.83 -36.79 -11.98
C ALA C 131 11.70 -35.90 -11.11
N THR C 132 12.51 -36.51 -10.25
CA THR C 132 13.40 -35.77 -9.36
C THR C 132 14.79 -36.41 -9.37
N GLU C 133 15.73 -35.74 -8.73
CA GLU C 133 17.15 -36.05 -8.82
C GLU C 133 17.60 -36.89 -7.63
N THR C 134 18.43 -37.87 -7.93
CA THR C 134 18.76 -38.99 -7.06
C THR C 134 20.17 -38.88 -6.48
N HIS C 135 20.30 -39.37 -5.26
CA HIS C 135 21.61 -39.58 -4.63
C HIS C 135 21.46 -40.66 -3.55
N ILE C 139 17.25 -38.86 -2.57
CA ILE C 139 16.31 -37.85 -3.05
C ILE C 139 16.82 -36.46 -2.65
N ALA C 140 17.06 -35.64 -3.66
CA ALA C 140 17.73 -34.36 -3.46
C ALA C 140 16.69 -33.32 -3.07
N LEU C 141 16.67 -32.95 -1.76
CA LEU C 141 15.66 -31.98 -1.31
C LEU C 141 15.87 -30.60 -1.88
N PRO C 142 17.08 -30.00 -1.84
CA PRO C 142 17.22 -28.63 -2.39
C PRO C 142 16.78 -28.52 -3.83
N GLU C 143 17.15 -29.49 -4.66
CA GLU C 143 16.79 -29.47 -6.07
C GLU C 143 15.29 -29.66 -6.27
N LEU C 144 14.66 -30.47 -5.43
CA LEU C 144 13.20 -30.59 -5.50
C LEU C 144 12.54 -29.27 -5.15
N LEU C 145 13.03 -28.58 -4.11
CA LEU C 145 12.41 -27.31 -3.78
C LEU C 145 12.57 -26.31 -4.90
N ASP C 146 13.70 -26.35 -5.61
CA ASP C 146 13.93 -25.50 -6.78
C ASP C 146 12.97 -25.81 -7.92
N ASP C 147 12.73 -27.11 -8.18
CA ASP C 147 11.77 -27.53 -9.19
C ASP C 147 10.38 -27.07 -8.84
N LEU C 148 10.03 -27.18 -7.55
CA LEU C 148 8.70 -26.80 -7.16
C LEU C 148 8.50 -25.32 -7.35
N ALA C 149 9.48 -24.52 -6.95
CA ALA C 149 9.33 -23.08 -7.13
C ALA C 149 9.26 -22.72 -8.62
N ALA C 150 10.01 -23.44 -9.46
CA ALA C 150 9.97 -23.14 -10.89
C ALA C 150 8.58 -23.37 -11.45
N GLN C 151 7.79 -24.25 -10.84
CA GLN C 151 6.43 -24.53 -11.26
C GLN C 151 5.38 -23.67 -10.55
N GLY C 152 5.79 -22.58 -9.90
CA GLY C 152 4.83 -21.70 -9.29
C GLY C 152 4.44 -22.02 -7.85
N ILE C 153 5.12 -22.96 -7.21
CA ILE C 153 4.81 -23.34 -5.81
C ILE C 153 5.40 -22.29 -4.88
N ALA C 154 4.56 -21.68 -4.06
CA ALA C 154 4.97 -20.67 -3.08
C ALA C 154 5.08 -21.20 -1.64
N SER C 155 4.48 -22.35 -1.32
CA SER C 155 4.61 -22.84 0.04
C SER C 155 4.43 -24.34 0.06
N VAL C 156 5.28 -24.99 0.81
CA VAL C 156 5.25 -26.43 1.00
C VAL C 156 5.02 -26.71 2.49
N LEU C 157 3.98 -27.50 2.80
CA LEU C 157 3.73 -27.96 4.15
C LEU C 157 4.19 -29.42 4.25
N VAL C 158 5.22 -29.67 5.07
CA VAL C 158 5.77 -31.01 5.28
C VAL C 158 5.15 -31.57 6.55
N GLU C 159 4.41 -32.66 6.41
CA GLU C 159 3.86 -33.37 7.57
C GLU C 159 4.75 -34.61 7.73
N GLY C 160 5.84 -34.46 8.46
CA GLY C 160 6.88 -35.47 8.47
C GLY C 160 6.63 -36.58 9.50
N GLY C 161 7.00 -37.80 9.11
CA GLY C 161 7.45 -38.76 10.07
C GLY C 161 8.89 -38.40 10.41
N ALA C 162 9.52 -39.27 11.19
CA ALA C 162 10.88 -38.98 11.65
C ALA C 162 11.85 -38.85 10.46
N GLY C 163 11.69 -39.68 9.44
CA GLY C 163 12.60 -39.66 8.33
C GLY C 163 12.58 -38.33 7.59
N VAL C 164 11.40 -37.89 7.14
CA VAL C 164 11.32 -36.65 6.38
C VAL C 164 11.60 -35.44 7.27
N ALA C 165 11.12 -35.47 8.51
CA ALA C 165 11.36 -34.33 9.39
C ALA C 165 12.85 -34.08 9.56
N LYS C 166 13.61 -35.12 9.83
CA LYS C 166 15.03 -34.98 10.08
C LYS C 166 15.80 -34.47 8.85
N SER C 167 15.43 -34.95 7.66
CA SER C 167 16.23 -34.54 6.51
C SER C 167 15.97 -33.10 6.13
N PHE C 168 14.75 -32.63 6.29
CA PHE C 168 14.49 -31.21 6.05
C PHE C 168 15.18 -30.35 7.10
N LEU C 169 15.25 -30.81 8.36
CA LEU C 169 15.90 -30.02 9.41
C LEU C 169 17.41 -30.03 9.25
N ASP C 170 17.99 -31.18 8.92
CA ASP C 170 19.44 -31.24 8.76
C ASP C 170 19.93 -30.33 7.64
N GLU C 171 19.24 -30.29 6.52
CA GLU C 171 19.68 -29.41 5.45
C GLU C 171 19.17 -28.00 5.60
N LYS C 172 18.54 -27.68 6.73
CA LYS C 172 18.17 -26.31 7.07
C LYS C 172 17.23 -25.68 6.03
N LEU C 173 16.24 -26.45 5.58
CA LEU C 173 15.32 -25.97 4.57
C LEU C 173 13.97 -25.55 5.15
N VAL C 174 13.87 -25.50 6.48
CA VAL C 174 12.60 -25.25 7.14
C VAL C 174 12.55 -23.78 7.52
N ASP C 175 11.50 -23.08 7.09
CA ASP C 175 11.33 -21.69 7.48
C ASP C 175 10.45 -21.48 8.72
N ARG C 176 9.37 -22.26 8.84
CA ARG C 176 8.47 -22.15 9.98
C ARG C 176 8.26 -23.55 10.52
N LEU C 177 8.32 -23.69 11.84
CA LEU C 177 8.24 -25.00 12.49
C LEU C 177 7.08 -24.94 13.47
N ILE C 178 6.14 -25.83 13.30
CA ILE C 178 4.93 -25.88 14.11
C ILE C 178 4.86 -27.26 14.75
N ILE C 179 4.78 -27.29 16.07
CA ILE C 179 4.87 -28.54 16.86
C ILE C 179 3.63 -28.67 17.73
N PHE C 180 2.79 -29.65 17.40
CA PHE C 180 1.66 -29.99 18.24
C PHE C 180 2.10 -31.10 19.19
N ARG C 181 1.72 -31.00 20.46
CA ARG C 181 2.08 -31.98 21.48
C ARG C 181 0.81 -32.59 22.08
N SER C 182 0.59 -33.90 21.88
CA SER C 182 -0.48 -34.66 22.52
C SER C 182 -0.38 -34.55 24.02
N PRO C 183 -1.49 -34.68 24.76
CA PRO C 183 -1.34 -34.93 26.20
C PRO C 183 -0.89 -36.37 26.46
N LEU C 184 -0.80 -37.22 25.46
CA LEU C 184 -0.57 -38.62 25.71
C LEU C 184 0.91 -38.96 25.73
N VAL C 185 1.31 -39.84 26.63
CA VAL C 185 2.68 -40.32 26.74
C VAL C 185 2.78 -41.65 26.03
N ILE C 186 3.81 -41.83 25.23
CA ILE C 186 4.01 -43.07 24.48
C ILE C 186 5.01 -43.98 25.19
N GLY C 187 6.10 -43.38 25.68
CA GLY C 187 7.12 -44.11 26.40
C GLY C 187 8.37 -44.37 25.58
N ALA C 188 9.52 -44.27 26.25
CA ALA C 188 10.79 -44.47 25.57
C ALA C 188 10.97 -45.92 25.09
N ALA C 189 10.17 -46.85 25.61
CA ALA C 189 10.33 -48.23 25.14
C ALA C 189 9.82 -48.39 23.72
N ASP C 190 8.66 -47.79 23.40
CA ASP C 190 8.06 -47.98 22.08
C ASP C 190 7.88 -46.72 21.25
N GLY C 191 8.29 -45.56 21.75
CA GLY C 191 8.17 -44.33 20.99
C GLY C 191 9.37 -44.16 20.08
N VAL C 192 9.14 -43.51 18.94
CA VAL C 192 10.20 -43.11 18.03
C VAL C 192 10.35 -41.60 18.14
N ALA C 193 11.58 -41.13 18.29
CA ALA C 193 11.81 -39.70 18.38
C ALA C 193 12.50 -39.23 17.10
N VAL C 194 12.41 -37.92 16.85
CA VAL C 194 13.12 -37.28 15.76
C VAL C 194 14.50 -36.93 16.30
N GLU C 195 15.52 -37.55 15.75
CA GLU C 195 16.86 -37.39 16.32
C GLU C 195 17.38 -36.02 15.90
N GLY C 196 17.80 -35.21 16.87
CA GLY C 196 18.29 -33.89 16.60
C GLY C 196 17.25 -32.78 16.53
N LEU C 197 15.97 -33.07 16.77
CA LEU C 197 14.94 -32.01 16.72
C LEU C 197 15.22 -30.91 17.72
N GLU C 198 15.49 -31.28 18.98
CA GLU C 198 15.68 -30.26 20.01
C GLU C 198 16.93 -29.44 19.76
N THR C 199 17.98 -30.05 19.18
CA THR C 199 19.19 -29.30 18.90
C THR C 199 19.01 -28.30 17.75
N HIS C 200 18.29 -28.71 16.70
CA HIS C 200 18.01 -27.78 15.60
C HIS C 200 17.16 -26.60 16.09
N ILE C 201 16.17 -26.86 16.95
CA ILE C 201 15.38 -25.75 17.45
C ILE C 201 16.25 -24.80 18.24
N ALA C 202 17.12 -25.36 19.09
CA ALA C 202 17.96 -24.55 19.97
C ALA C 202 18.89 -23.64 19.18
N SER C 203 19.52 -24.16 18.11
CA SER C 203 20.50 -23.36 17.40
C SER C 203 19.84 -22.43 16.36
N GLU C 204 18.82 -22.90 15.64
CA GLU C 204 18.37 -22.20 14.43
C GLU C 204 16.99 -21.56 14.53
N PHE C 205 16.22 -21.78 15.60
CA PHE C 205 14.86 -21.28 15.62
C PHE C 205 14.64 -20.49 16.90
N LYS C 206 13.76 -19.50 16.81
CA LYS C 206 13.24 -18.73 17.94
C LYS C 206 11.71 -18.82 18.00
N ILE C 207 11.18 -18.80 19.22
CA ILE C 207 9.74 -18.94 19.43
C ILE C 207 8.96 -17.75 18.86
N LEU C 208 7.81 -18.04 18.25
CA LEU C 208 6.91 -17.01 17.73
C LEU C 208 5.61 -16.94 18.51
N ARG C 209 4.95 -18.08 18.71
CA ARG C 209 3.81 -18.13 19.62
C ARG C 209 3.79 -19.50 20.28
N ARG C 210 3.28 -19.53 21.51
CA ARG C 210 3.08 -20.79 22.24
C ARG C 210 1.67 -20.82 22.80
N MET C 211 0.94 -21.91 22.55
CA MET C 211 -0.30 -22.18 23.25
C MET C 211 0.01 -23.16 24.40
N ARG C 212 -0.17 -22.73 25.65
CA ARG C 212 0.31 -23.47 26.81
C ARG C 212 -0.72 -24.39 27.44
N TYR C 213 -1.65 -24.94 26.66
CA TYR C 213 -2.78 -25.68 27.22
C TYR C 213 -2.51 -27.18 27.10
N ALA C 214 -2.71 -27.95 28.16
CA ALA C 214 -2.25 -29.33 28.13
C ALA C 214 -3.10 -30.18 27.19
N ASP C 215 -4.38 -29.82 27.04
CA ASP C 215 -5.31 -30.51 26.16
C ASP C 215 -5.17 -30.02 24.70
N ASP C 216 -4.37 -28.98 24.46
CA ASP C 216 -4.28 -28.35 23.15
C ASP C 216 -2.96 -27.62 22.95
N ALA C 217 -1.83 -28.30 23.12
CA ALA C 217 -0.57 -27.58 23.23
C ALA C 217 0.08 -27.40 21.85
N CYS C 218 0.66 -26.22 21.62
CA CYS C 218 1.24 -25.90 20.31
C CYS C 218 2.38 -24.89 20.51
N ALA C 219 3.47 -25.05 19.75
CA ALA C 219 4.54 -24.08 19.68
C ALA C 219 4.89 -23.84 18.21
N GLU C 220 4.99 -22.57 17.82
CA GLU C 220 5.43 -22.20 16.48
C GLU C 220 6.73 -21.42 16.61
N TYR C 221 7.66 -21.71 15.71
CA TYR C 221 8.97 -21.08 15.65
C TYR C 221 9.22 -20.62 14.23
N VAL C 222 10.00 -19.53 14.12
CA VAL C 222 10.51 -18.96 12.89
C VAL C 222 12.03 -19.06 12.94
N ARG C 223 12.65 -18.82 11.80
CA ARG C 223 14.11 -18.85 11.71
C ARG C 223 14.76 -17.68 12.40
N ASN C 224 15.93 -17.93 12.96
CA ASN C 224 16.87 -16.89 13.29
C ASN C 224 17.20 -16.02 12.08
N ARG D 10 3.85 -7.73 30.66
CA ARG D 10 2.80 -7.11 29.83
C ARG D 10 2.55 -8.21 28.87
N PRO D 11 1.27 -8.55 28.65
CA PRO D 11 0.98 -9.66 27.75
C PRO D 11 1.24 -9.29 26.29
N GLU D 12 1.40 -10.34 25.46
CA GLU D 12 1.55 -10.17 24.02
C GLU D 12 0.27 -9.63 23.40
N VAL D 13 0.44 -8.58 22.59
CA VAL D 13 -0.67 -7.85 21.98
C VAL D 13 -0.62 -8.10 20.46
N ILE D 14 -1.66 -8.74 19.94
CA ILE D 14 -1.85 -8.95 18.52
C ILE D 14 -2.95 -8.00 18.05
N LEU D 15 -2.63 -7.16 17.09
CA LEU D 15 -3.63 -6.30 16.47
C LEU D 15 -4.04 -6.89 15.12
N LYS D 16 -5.33 -7.23 15.01
CA LYS D 16 -5.93 -7.79 13.81
C LYS D 16 -6.81 -6.69 13.19
N LEU D 17 -6.50 -6.32 11.94
CA LEU D 17 -7.27 -5.30 11.26
C LEU D 17 -8.02 -5.95 10.11
N ALA D 18 -9.28 -5.60 9.95
CA ALA D 18 -10.11 -6.00 8.81
C ALA D 18 -10.28 -4.77 7.93
N LEU D 19 -9.65 -4.76 6.76
CA LEU D 19 -9.73 -3.63 5.83
C LEU D 19 -10.47 -4.04 4.57
N SER D 20 -10.95 -3.02 3.84
CA SER D 20 -11.44 -3.22 2.47
C SER D 20 -10.29 -3.40 1.51
N ALA D 21 -10.65 -3.75 0.26
CA ALA D 21 -9.67 -3.94 -0.79
C ALA D 21 -8.79 -2.72 -0.94
N ASP D 22 -9.37 -1.56 -0.73
CA ASP D 22 -8.63 -0.32 -0.85
C ASP D 22 -8.17 0.22 0.50
N GLY D 23 -8.12 -0.63 1.56
CA GLY D 23 -7.40 -0.27 2.77
C GLY D 23 -8.16 0.58 3.78
N MET D 24 -9.47 0.69 3.68
CA MET D 24 -10.26 1.42 4.67
C MET D 24 -10.63 0.50 5.83
N ILE D 25 -10.69 1.04 7.05
CA ILE D 25 -11.08 0.21 8.20
C ILE D 25 -12.57 0.29 8.48
N GLY D 26 -13.30 1.08 7.68
CA GLY D 26 -14.74 1.12 7.78
C GLY D 26 -15.33 2.15 6.84
N ARG D 27 -16.64 2.21 6.86
CA ARG D 27 -17.40 3.22 6.15
C ARG D 27 -17.82 4.26 7.19
N LYS D 28 -17.94 5.53 6.77
CA LYS D 28 -18.11 6.63 7.72
C LYS D 28 -19.23 6.39 8.72
N GLY D 29 -20.39 5.97 8.23
CA GLY D 29 -21.52 5.76 9.14
C GLY D 29 -21.69 4.39 9.76
N ALA D 30 -20.64 3.55 9.80
CA ALA D 30 -20.86 2.17 10.20
C ALA D 30 -19.77 1.58 11.09
N GLY D 31 -19.62 0.27 11.02
CA GLY D 31 -18.72 -0.47 11.87
C GLY D 31 -17.48 -0.95 11.16
N GLN D 32 -17.16 -2.20 11.40
CA GLN D 32 -15.97 -2.79 10.82
C GLN D 32 -16.30 -3.38 9.46
N VAL D 33 -15.25 -3.54 8.67
CA VAL D 33 -15.33 -4.22 7.39
C VAL D 33 -15.43 -5.72 7.64
N ALA D 34 -16.35 -6.39 6.98
CA ALA D 34 -16.48 -7.84 7.15
C ALA D 34 -15.28 -8.61 6.55
N ILE D 35 -14.85 -9.67 7.23
CA ILE D 35 -13.84 -10.58 6.67
C ILE D 35 -14.64 -11.64 5.91
N THR D 36 -14.38 -11.81 4.63
CA THR D 36 -15.29 -12.62 3.79
C THR D 36 -14.71 -13.89 3.14
N GLY D 37 -13.41 -13.96 2.87
CA GLY D 37 -12.84 -15.13 2.28
C GLY D 37 -12.89 -16.32 3.21
N PRO D 38 -13.06 -17.53 2.66
CA PRO D 38 -13.20 -18.69 3.55
C PRO D 38 -11.98 -18.96 4.43
N VAL D 39 -10.76 -18.84 3.88
CA VAL D 39 -9.54 -19.00 4.67
C VAL D 39 -9.40 -17.86 5.66
N SER D 40 -9.73 -16.62 5.25
CA SER D 40 -9.56 -15.54 6.22
C SER D 40 -10.54 -15.61 7.37
N ARG D 41 -11.76 -16.05 7.12
CA ARG D 41 -12.70 -16.13 8.24
C ARG D 41 -12.25 -17.21 9.21
N ALA D 42 -11.79 -18.34 8.65
CA ALA D 42 -11.33 -19.42 9.51
C ALA D 42 -10.16 -18.97 10.33
N GLN D 43 -9.17 -18.34 9.70
CA GLN D 43 -8.02 -17.83 10.46
C GLN D 43 -8.46 -16.88 11.56
N SER D 44 -9.51 -16.05 11.29
CA SER D 44 -9.97 -15.07 12.24
C SER D 44 -10.58 -15.74 13.49
N HIS D 45 -11.32 -16.81 13.30
CA HIS D 45 -11.88 -17.47 14.48
C HIS D 45 -10.84 -18.28 15.22
N ILE D 46 -9.79 -18.72 14.51
CA ILE D 46 -8.68 -19.42 15.13
C ILE D 46 -7.86 -18.47 15.99
N LEU D 47 -7.63 -17.24 15.53
CA LEU D 47 -6.94 -16.27 16.38
C LEU D 47 -7.70 -16.02 17.68
N ARG D 48 -9.02 -15.96 17.60
CA ARG D 48 -9.83 -15.76 18.81
C ARG D 48 -9.66 -16.90 19.81
N ALA D 49 -9.72 -18.12 19.31
CA ALA D 49 -9.51 -19.28 20.19
C ALA D 49 -8.09 -19.31 20.77
N GLN D 50 -7.11 -18.77 20.05
CA GLN D 50 -5.73 -18.74 20.53
C GLN D 50 -5.44 -17.64 21.52
N ALA D 51 -6.36 -16.71 21.74
CA ALA D 51 -6.15 -15.56 22.62
C ALA D 51 -6.77 -15.74 24.02
N ASP D 52 -6.14 -15.15 25.03
CA ASP D 52 -6.74 -15.09 26.37
C ASP D 52 -7.90 -14.09 26.41
N ILE D 53 -7.75 -12.97 25.68
CA ILE D 53 -8.70 -11.84 25.69
C ILE D 53 -8.87 -11.36 24.25
N ILE D 54 -10.10 -11.05 23.85
CA ILE D 54 -10.40 -10.27 22.63
C ILE D 54 -10.83 -8.90 23.12
N LEU D 55 -10.26 -7.85 22.55
CA LEU D 55 -10.54 -6.50 23.00
C LEU D 55 -11.09 -5.67 21.84
N ILE D 56 -12.15 -4.89 22.11
CA ILE D 56 -12.68 -3.95 21.11
C ILE D 56 -13.04 -2.64 21.79
N GLY D 57 -13.24 -1.60 20.96
CA GLY D 57 -13.70 -0.32 21.49
C GLY D 57 -15.23 -0.20 21.51
N ILE D 58 -15.78 0.68 22.34
CA ILE D 58 -17.24 0.85 22.41
C ILE D 58 -17.83 1.29 21.06
N GLU D 59 -17.09 2.08 20.29
CA GLU D 59 -17.61 2.53 18.98
C GLU D 59 -17.90 1.35 18.07
N THR D 60 -16.97 0.38 18.03
CA THR D 60 -17.21 -0.87 17.29
C THR D 60 -18.39 -1.64 17.89
N ALA D 61 -18.45 -1.73 19.23
CA ALA D 61 -19.57 -2.41 19.86
C ALA D 61 -20.90 -1.76 19.51
N LEU D 62 -20.94 -0.43 19.51
CA LEU D 62 -22.18 0.25 19.18
C LEU D 62 -22.57 0.11 17.70
N ALA D 63 -21.60 0.25 16.79
CA ALA D 63 -21.96 0.25 15.36
C ALA D 63 -22.29 -1.15 14.84
N ASP D 64 -21.70 -2.18 15.43
CA ASP D 64 -21.76 -3.52 14.87
C ASP D 64 -22.48 -4.55 15.71
N ASP D 65 -22.75 -4.28 16.98
CA ASP D 65 -23.37 -5.24 17.89
C ASP D 65 -22.77 -6.65 17.79
N PRO D 66 -21.44 -6.81 17.90
CA PRO D 66 -20.80 -8.12 17.71
C PRO D 66 -20.96 -9.04 18.93
N VAL D 67 -20.52 -10.29 18.78
CA VAL D 67 -20.59 -11.17 19.95
C VAL D 67 -19.18 -11.63 20.33
N LEU D 68 -18.26 -11.69 19.35
CA LEU D 68 -16.84 -11.90 19.60
C LEU D 68 -16.56 -13.30 20.15
N ASN D 69 -17.25 -14.31 19.65
CA ASN D 69 -16.98 -15.67 20.09
C ASN D 69 -16.27 -16.46 18.97
N CYS D 70 -15.83 -17.66 19.30
CA CYS D 70 -15.28 -18.57 18.30
C CYS D 70 -16.39 -19.50 17.82
N ARG D 71 -16.71 -19.41 16.52
CA ARG D 71 -17.84 -20.14 15.94
C ARG D 71 -17.37 -21.29 15.06
N LEU D 72 -16.11 -21.72 15.21
CA LEU D 72 -15.70 -22.96 14.57
C LEU D 72 -16.24 -24.13 15.37
N PRO D 73 -16.93 -25.09 14.75
CA PRO D 73 -17.47 -26.22 15.50
C PRO D 73 -16.43 -26.96 16.33
N GLY D 74 -16.75 -27.20 17.61
CA GLY D 74 -15.82 -27.83 18.53
C GLY D 74 -14.93 -26.87 19.28
N LEU D 75 -14.95 -25.57 18.92
CA LEU D 75 -14.09 -24.59 19.52
C LEU D 75 -14.84 -23.50 20.28
N GLU D 76 -16.16 -23.64 20.43
CA GLU D 76 -16.97 -22.61 21.07
C GLU D 76 -16.62 -22.37 22.54
N GLN D 77 -16.26 -23.42 23.29
CA GLN D 77 -15.82 -23.31 24.67
C GLN D 77 -14.43 -22.68 24.77
N ARG D 78 -13.73 -22.51 23.61
CA ARG D 78 -12.46 -21.79 23.50
C ARG D 78 -12.69 -20.33 23.14
N SER D 79 -13.92 -19.83 23.30
CA SER D 79 -14.20 -18.39 23.28
C SER D 79 -13.54 -17.64 24.45
N PRO D 80 -12.79 -16.61 24.16
CA PRO D 80 -11.99 -15.93 25.19
C PRO D 80 -12.78 -14.92 26.03
N VAL D 81 -12.11 -14.37 27.05
CA VAL D 81 -12.63 -13.26 27.78
C VAL D 81 -12.74 -12.09 26.81
N ARG D 82 -13.88 -11.44 26.80
CA ARG D 82 -14.08 -10.27 25.95
C ARG D 82 -13.92 -9.02 26.79
N VAL D 83 -13.21 -8.03 26.24
CA VAL D 83 -13.00 -6.75 26.90
C VAL D 83 -13.47 -5.63 25.98
N VAL D 84 -14.28 -4.72 26.51
CA VAL D 84 -14.74 -3.51 25.77
C VAL D 84 -14.29 -2.25 26.49
N LEU D 85 -13.53 -1.40 25.77
CA LEU D 85 -13.04 -0.13 26.26
C LEU D 85 -14.16 0.89 26.12
N ASP D 86 -14.77 1.29 27.25
CA ASP D 86 -16.04 1.97 27.24
C ASP D 86 -16.04 2.96 28.40
N GLY D 87 -15.48 4.15 28.19
CA GLY D 87 -15.27 5.05 29.31
C GLY D 87 -16.56 5.43 30.03
N GLY D 88 -17.62 5.67 29.28
CA GLY D 88 -18.87 6.12 29.84
C GLY D 88 -19.90 5.05 30.07
N LEU D 89 -19.53 3.77 29.95
CA LEU D 89 -20.43 2.62 30.11
C LEU D 89 -21.69 2.76 29.28
N ARG D 90 -21.50 3.11 28.01
CA ARG D 90 -22.58 3.21 27.07
C ARG D 90 -22.94 1.87 26.44
N LEU D 91 -22.33 0.76 26.86
CA LEU D 91 -22.67 -0.55 26.26
C LEU D 91 -24.12 -0.92 26.57
N PRO D 92 -24.99 -1.11 25.57
CA PRO D 92 -26.43 -1.36 25.88
C PRO D 92 -26.68 -2.68 26.58
N LEU D 93 -27.61 -2.67 27.54
CA LEU D 93 -27.93 -3.92 28.25
C LEU D 93 -28.58 -4.93 27.34
N SER D 94 -29.14 -4.47 26.23
CA SER D 94 -29.71 -5.35 25.21
C SER D 94 -28.70 -5.84 24.19
N SER D 95 -27.50 -5.24 24.11
CA SER D 95 -26.45 -5.72 23.20
C SER D 95 -26.26 -7.24 23.31
N ARG D 96 -25.97 -7.87 22.18
CA ARG D 96 -25.62 -9.29 22.20
C ARG D 96 -24.45 -9.58 23.15
N LEU D 97 -23.53 -8.64 23.34
CA LEU D 97 -22.41 -8.84 24.25
C LEU D 97 -22.89 -9.01 25.69
N VAL D 98 -23.64 -8.02 26.18
CA VAL D 98 -24.13 -8.04 27.56
C VAL D 98 -25.06 -9.22 27.78
N ARG D 99 -25.90 -9.52 26.78
CA ARG D 99 -26.89 -10.58 26.92
C ARG D 99 -26.26 -11.96 26.93
N SER D 100 -24.97 -12.09 26.62
CA SER D 100 -24.23 -13.36 26.68
C SER D 100 -23.19 -13.41 27.82
N ALA D 101 -23.27 -12.48 28.78
CA ALA D 101 -22.21 -12.33 29.78
C ALA D 101 -22.06 -13.55 30.69
N ASP D 102 -23.13 -14.32 30.95
CA ASP D 102 -22.98 -15.64 31.60
C ASP D 102 -22.36 -16.73 30.76
N THR D 103 -22.44 -16.65 29.43
CA THR D 103 -21.93 -17.74 28.62
C THR D 103 -20.52 -17.52 28.11
N GLN D 104 -20.02 -16.28 28.16
CA GLN D 104 -18.66 -15.98 27.76
C GLN D 104 -18.32 -14.74 28.59
N PRO D 105 -17.18 -14.73 29.26
CA PRO D 105 -16.88 -13.60 30.16
C PRO D 105 -16.90 -12.29 29.39
N LEU D 106 -17.39 -11.24 30.03
CA LEU D 106 -17.40 -9.89 29.47
C LEU D 106 -16.93 -8.91 30.52
N TRP D 107 -15.82 -8.22 30.25
CA TRP D 107 -15.29 -7.17 31.09
C TRP D 107 -15.36 -5.84 30.35
N VAL D 108 -15.85 -4.83 31.04
CA VAL D 108 -16.00 -3.50 30.45
C VAL D 108 -15.13 -2.53 31.24
N ALA D 109 -14.20 -1.88 30.57
CA ALA D 109 -13.30 -0.91 31.18
C ALA D 109 -13.88 0.48 31.04
N CYS D 110 -13.98 1.22 32.16
CA CYS D 110 -14.51 2.56 32.19
C CYS D 110 -13.71 3.39 33.18
N GLY D 111 -13.74 4.70 32.99
CA GLY D 111 -13.21 5.63 33.96
C GLY D 111 -14.18 5.94 35.09
N GLU D 112 -13.84 7.00 35.83
CA GLU D 112 -14.71 7.38 36.94
C GLU D 112 -16.02 8.03 36.46
N GLU D 113 -16.14 8.46 35.17
CA GLU D 113 -17.39 8.99 34.55
C GLU D 113 -18.65 8.27 35.04
N ALA D 114 -18.54 7.00 35.11
CA ALA D 114 -19.74 6.30 34.75
C ALA D 114 -20.68 6.29 35.94
N PRO D 115 -21.96 6.57 35.74
CA PRO D 115 -22.87 6.61 36.88
C PRO D 115 -22.96 5.24 37.52
N ASP D 116 -23.18 5.25 38.84
CA ASP D 116 -23.31 4.00 39.57
C ASP D 116 -24.51 3.23 39.07
N GLU D 117 -25.49 3.90 38.47
CA GLU D 117 -26.69 3.22 38.03
C GLU D 117 -26.41 2.33 36.82
N ARG D 118 -25.48 2.73 35.93
CA ARG D 118 -25.10 1.89 34.79
C ARG D 118 -24.07 0.83 35.18
N ARG D 119 -23.20 1.13 36.14
CA ARG D 119 -22.26 0.11 36.61
C ARG D 119 -23.02 -1.08 37.18
N ALA D 120 -24.07 -0.82 37.95
CA ALA D 120 -24.81 -1.87 38.62
C ALA D 120 -25.66 -2.67 37.63
N ALA D 121 -26.29 -1.96 36.68
CA ALA D 121 -27.10 -2.62 35.67
C ALA D 121 -26.24 -3.58 34.85
N LEU D 122 -25.04 -3.14 34.45
CA LEU D 122 -24.16 -4.09 33.79
C LEU D 122 -23.69 -5.13 34.78
N GLY D 123 -23.39 -4.71 36.00
CA GLY D 123 -23.01 -5.67 37.02
C GLY D 123 -24.10 -6.71 37.26
N ALA D 124 -25.37 -6.28 37.30
CA ALA D 124 -26.43 -7.24 37.58
C ALA D 124 -26.65 -8.19 36.42
N ALA D 125 -26.28 -7.78 35.21
CA ALA D 125 -26.39 -8.62 34.04
C ALA D 125 -25.22 -9.60 33.89
N GLY D 126 -24.23 -9.54 34.77
CA GLY D 126 -23.13 -10.49 34.72
C GLY D 126 -21.82 -9.96 34.18
N CYS D 127 -21.69 -8.66 33.95
CA CYS D 127 -20.45 -8.08 33.45
C CYS D 127 -19.50 -7.82 34.61
N ARG D 128 -18.22 -8.02 34.41
CA ARG D 128 -17.24 -7.41 35.29
C ARG D 128 -16.90 -6.01 34.78
N ILE D 129 -16.80 -5.04 35.69
CA ILE D 129 -16.38 -3.67 35.37
C ILE D 129 -14.92 -3.52 35.76
N LEU D 130 -14.11 -2.99 34.85
CA LEU D 130 -12.69 -2.76 35.09
C LEU D 130 -12.51 -1.28 35.37
N ALA D 131 -12.07 -0.95 36.58
CA ALA D 131 -11.87 0.44 36.92
C ALA D 131 -10.59 0.87 36.21
N THR D 132 -10.69 1.85 35.32
CA THR D 132 -9.49 2.20 34.59
C THR D 132 -9.35 3.72 34.57
N GLU D 133 -8.14 4.13 34.18
CA GLU D 133 -7.70 5.50 34.29
C GLU D 133 -7.86 6.09 32.89
N THR D 134 -8.63 7.16 32.82
CA THR D 134 -9.13 7.63 31.54
C THR D 134 -8.54 8.99 31.19
N HIS D 135 -8.66 9.34 29.92
CA HIS D 135 -8.36 10.67 29.42
C HIS D 135 -9.43 11.05 28.39
N ASP D 136 -9.12 11.90 27.42
CA ASP D 136 -10.12 12.36 26.42
C ASP D 136 -10.80 11.18 25.73
N ILE D 139 -9.33 6.07 27.80
CA ILE D 139 -8.78 4.94 28.56
C ILE D 139 -7.29 4.72 28.36
N ALA D 140 -6.54 4.73 29.46
CA ALA D 140 -5.08 4.66 29.42
C ALA D 140 -4.69 3.19 29.25
N LEU D 141 -4.18 2.86 28.05
CA LEU D 141 -3.86 1.47 27.71
C LEU D 141 -2.70 0.91 28.53
N PRO D 142 -1.54 1.58 28.63
CA PRO D 142 -0.41 0.94 29.33
C PRO D 142 -0.78 0.46 30.72
N GLU D 143 -1.60 1.27 31.41
CA GLU D 143 -2.10 0.95 32.75
C GLU D 143 -3.01 -0.26 32.71
N LEU D 144 -3.89 -0.31 31.69
CA LEU D 144 -4.81 -1.42 31.54
C LEU D 144 -4.08 -2.70 31.21
N LEU D 145 -3.03 -2.61 30.40
CA LEU D 145 -2.27 -3.81 30.08
C LEU D 145 -1.51 -4.34 31.30
N ASP D 146 -1.00 -3.45 32.14
CA ASP D 146 -0.35 -3.89 33.36
C ASP D 146 -1.34 -4.54 34.33
N ASP D 147 -2.54 -3.99 34.49
CA ASP D 147 -3.52 -4.63 35.35
C ASP D 147 -3.89 -6.02 34.83
N LEU D 148 -4.11 -6.13 33.51
CA LEU D 148 -4.44 -7.43 32.93
C LEU D 148 -3.30 -8.42 33.08
N ALA D 149 -2.06 -7.95 33.00
CA ALA D 149 -0.93 -8.87 33.16
C ALA D 149 -0.90 -9.46 34.57
N ALA D 150 -1.28 -8.65 35.57
CA ALA D 150 -1.34 -9.12 36.95
C ALA D 150 -2.38 -10.22 37.14
N GLN D 151 -3.39 -10.29 36.28
CA GLN D 151 -4.44 -11.29 36.39
C GLN D 151 -4.17 -12.54 35.55
N GLY D 152 -2.92 -12.74 35.12
CA GLY D 152 -2.58 -13.97 34.42
C GLY D 152 -2.84 -13.96 32.92
N ILE D 153 -3.16 -12.82 32.34
CA ILE D 153 -3.45 -12.74 30.92
C ILE D 153 -2.13 -12.74 30.17
N ALA D 154 -1.96 -13.71 29.27
CA ALA D 154 -0.75 -13.85 28.48
C ALA D 154 -0.85 -13.26 27.09
N SER D 155 -2.06 -13.02 26.57
CA SER D 155 -2.19 -12.52 25.19
C SER D 155 -3.52 -11.78 25.01
N VAL D 156 -3.46 -10.66 24.30
CA VAL D 156 -4.64 -9.85 24.02
C VAL D 156 -4.77 -9.76 22.49
N LEU D 157 -5.94 -10.16 21.95
CA LEU D 157 -6.25 -9.98 20.54
C LEU D 157 -7.12 -8.73 20.42
N VAL D 158 -6.55 -7.72 19.82
CA VAL D 158 -7.24 -6.44 19.61
C VAL D 158 -7.83 -6.46 18.21
N GLU D 159 -9.17 -6.39 18.14
CA GLU D 159 -9.84 -6.31 16.84
C GLU D 159 -10.26 -4.86 16.66
N GLY D 160 -9.30 -4.05 16.24
CA GLY D 160 -9.48 -2.63 16.36
C GLY D 160 -10.32 -2.11 15.22
N GLY D 161 -11.26 -1.24 15.57
CA GLY D 161 -11.72 -0.22 14.68
C GLY D 161 -10.64 0.83 14.67
N ALA D 162 -10.92 1.93 13.98
CA ALA D 162 -9.89 2.94 13.75
C ALA D 162 -9.39 3.51 15.06
N GLY D 163 -10.28 3.69 16.04
CA GLY D 163 -9.94 4.32 17.29
C GLY D 163 -8.94 3.53 18.10
N VAL D 164 -9.30 2.28 18.39
CA VAL D 164 -8.46 1.43 19.22
C VAL D 164 -7.17 1.08 18.51
N ALA D 165 -7.24 0.82 17.19
CA ALA D 165 -6.04 0.49 16.43
C ALA D 165 -5.04 1.63 16.50
N LYS D 166 -5.52 2.86 16.29
CA LYS D 166 -4.61 4.02 16.35
C LYS D 166 -4.00 4.16 17.73
N SER D 167 -4.80 3.92 18.79
CA SER D 167 -4.29 4.14 20.15
C SER D 167 -3.24 3.11 20.53
N PHE D 168 -3.45 1.84 20.17
CA PHE D 168 -2.47 0.82 20.48
C PHE D 168 -1.19 1.01 19.67
N LEU D 169 -1.31 1.43 18.40
CA LEU D 169 -0.13 1.63 17.57
C LEU D 169 0.67 2.83 18.05
N ASP D 170 -0.01 3.95 18.34
CA ASP D 170 0.69 5.15 18.79
C ASP D 170 1.46 4.92 20.09
N GLU D 171 0.90 4.13 20.99
CA GLU D 171 1.63 3.83 22.20
C GLU D 171 2.61 2.69 22.03
N LYS D 172 2.79 2.16 20.82
CA LYS D 172 3.83 1.16 20.54
C LYS D 172 3.69 -0.08 21.40
N LEU D 173 2.44 -0.52 21.58
CA LEU D 173 2.14 -1.67 22.41
C LEU D 173 1.78 -2.91 21.62
N VAL D 174 1.99 -2.90 20.29
CA VAL D 174 1.58 -4.00 19.43
C VAL D 174 2.79 -4.89 19.20
N ASP D 175 2.64 -6.18 19.45
CA ASP D 175 3.73 -7.09 19.14
C ASP D 175 3.61 -7.70 17.75
N ARG D 176 2.40 -8.08 17.36
CA ARG D 176 2.15 -8.64 16.04
C ARG D 176 0.96 -7.93 15.41
N LEU D 177 1.04 -7.75 14.11
CA LEU D 177 0.06 -7.02 13.31
C LEU D 177 -0.40 -7.94 12.17
N ILE D 178 -1.71 -8.16 12.07
CA ILE D 178 -2.28 -9.04 11.06
C ILE D 178 -3.35 -8.24 10.32
N ILE D 179 -3.20 -8.10 8.99
CA ILE D 179 -4.11 -7.29 8.21
C ILE D 179 -4.77 -8.14 7.13
N PHE D 180 -6.09 -8.27 7.22
CA PHE D 180 -6.94 -8.84 6.18
C PHE D 180 -7.52 -7.74 5.28
N ARG D 181 -7.60 -8.01 3.97
CA ARG D 181 -8.22 -7.09 3.01
C ARG D 181 -9.38 -7.80 2.33
N SER D 182 -10.56 -7.27 2.58
CA SER D 182 -11.80 -7.65 1.93
C SER D 182 -11.76 -7.28 0.44
N PRO D 183 -12.50 -8.02 -0.40
CA PRO D 183 -12.62 -7.59 -1.81
C PRO D 183 -13.52 -6.37 -2.00
N LEU D 184 -14.11 -5.81 -0.94
CA LEU D 184 -15.06 -4.73 -1.14
C LEU D 184 -14.27 -3.42 -1.25
N VAL D 185 -14.69 -2.58 -2.18
CA VAL D 185 -14.06 -1.29 -2.37
C VAL D 185 -15.01 -0.26 -1.79
N ILE D 186 -14.52 0.53 -0.84
CA ILE D 186 -15.33 1.54 -0.17
C ILE D 186 -15.14 2.92 -0.77
N GLY D 187 -13.91 3.30 -1.09
CA GLY D 187 -13.70 4.63 -1.63
C GLY D 187 -13.17 5.62 -0.61
N ALA D 188 -12.29 6.54 -1.05
CA ALA D 188 -11.76 7.53 -0.12
C ALA D 188 -12.81 8.52 0.34
N ALA D 189 -13.88 8.70 -0.43
CA ALA D 189 -14.90 9.66 -0.05
C ALA D 189 -15.66 9.19 1.17
N ASP D 190 -15.94 7.89 1.25
CA ASP D 190 -16.78 7.40 2.34
C ASP D 190 -16.02 6.49 3.31
N GLY D 191 -14.73 6.29 3.08
CA GLY D 191 -13.94 5.38 3.89
C GLY D 191 -13.30 6.04 5.09
N VAL D 192 -13.05 5.23 6.12
CA VAL D 192 -12.28 5.63 7.29
C VAL D 192 -10.96 4.89 7.21
N ALA D 193 -9.85 5.60 7.35
CA ALA D 193 -8.54 4.97 7.43
C ALA D 193 -8.03 5.09 8.86
N VAL D 194 -7.05 4.27 9.21
CA VAL D 194 -6.38 4.43 10.49
C VAL D 194 -5.17 5.34 10.27
N GLU D 195 -5.16 6.48 10.96
CA GLU D 195 -4.16 7.51 10.69
C GLU D 195 -2.83 7.12 11.32
N GLY D 196 -1.78 7.17 10.50
CA GLY D 196 -0.45 6.76 10.91
C GLY D 196 -0.11 5.30 10.75
N LEU D 197 -1.01 4.47 10.18
CA LEU D 197 -0.74 3.04 10.08
C LEU D 197 0.51 2.76 9.24
N GLU D 198 0.58 3.37 8.05
CA GLU D 198 1.66 3.04 7.15
C GLU D 198 3.00 3.44 7.74
N THR D 199 3.05 4.54 8.48
CA THR D 199 4.31 5.00 9.08
C THR D 199 4.78 4.06 10.19
N HIS D 200 3.85 3.55 11.02
CA HIS D 200 4.23 2.58 12.03
C HIS D 200 4.77 1.31 11.42
N ILE D 201 4.18 0.86 10.31
CA ILE D 201 4.62 -0.39 9.70
C ILE D 201 6.06 -0.26 9.23
N ALA D 202 6.37 0.85 8.55
CA ALA D 202 7.74 1.06 8.06
C ALA D 202 8.73 1.20 9.22
N SER D 203 8.35 2.00 10.22
CA SER D 203 9.28 2.41 11.27
C SER D 203 9.46 1.34 12.35
N GLU D 204 8.39 0.63 12.72
CA GLU D 204 8.44 -0.22 13.89
C GLU D 204 8.22 -1.70 13.58
N PHE D 205 7.91 -2.06 12.35
CA PHE D 205 7.55 -3.44 12.03
C PHE D 205 8.38 -3.92 10.85
N LYS D 206 8.57 -5.23 10.78
CA LYS D 206 9.14 -5.86 9.60
C LYS D 206 8.08 -6.83 9.09
N ILE D 207 7.98 -6.93 7.76
CA ILE D 207 7.03 -7.86 7.17
C ILE D 207 7.47 -9.28 7.50
N LEU D 208 6.51 -10.10 7.87
CA LEU D 208 6.76 -11.52 8.14
C LEU D 208 6.18 -12.36 7.04
N ARG D 209 4.96 -12.03 6.64
CA ARG D 209 4.35 -12.63 5.47
C ARG D 209 3.62 -11.56 4.66
N ARG D 210 3.86 -11.53 3.35
CA ARG D 210 3.13 -10.76 2.34
C ARG D 210 1.85 -11.35 1.83
N MET D 211 0.88 -10.47 1.60
CA MET D 211 -0.27 -10.84 0.80
C MET D 211 0.20 -11.41 -0.53
N ARG D 212 -0.17 -12.66 -0.82
CA ARG D 212 0.32 -13.24 -2.05
C ARG D 212 -0.65 -12.97 -3.20
N TYR D 213 -1.89 -12.63 -2.87
CA TYR D 213 -2.96 -12.42 -3.83
C TYR D 213 -3.86 -11.30 -3.30
N ALA D 214 -4.63 -10.68 -4.20
CA ALA D 214 -5.49 -9.60 -3.74
C ALA D 214 -6.64 -10.15 -2.89
N ASP D 215 -7.11 -11.37 -3.21
CA ASP D 215 -8.18 -12.14 -2.56
C ASP D 215 -7.82 -13.10 -1.44
N ASP D 216 -8.77 -13.19 -0.49
CA ASP D 216 -8.72 -14.05 0.70
C ASP D 216 -7.32 -14.05 1.29
N ALA D 217 -6.79 -12.85 1.43
CA ALA D 217 -5.40 -12.64 1.72
C ALA D 217 -5.19 -11.86 3.01
N CYS D 218 -3.99 -12.05 3.54
CA CYS D 218 -3.61 -11.52 4.82
C CYS D 218 -2.12 -11.15 4.78
N ALA D 219 -1.76 -10.05 5.45
CA ALA D 219 -0.39 -9.61 5.64
C ALA D 219 -0.09 -9.61 7.15
N GLU D 220 1.06 -10.17 7.53
CA GLU D 220 1.51 -10.22 8.92
C GLU D 220 2.78 -9.39 9.11
N TYR D 221 2.88 -8.68 10.24
CA TYR D 221 4.06 -7.92 10.58
C TYR D 221 4.47 -8.25 12.02
N VAL D 222 5.77 -8.19 12.31
CA VAL D 222 6.29 -8.29 13.67
C VAL D 222 7.08 -7.01 13.93
N ARG D 223 7.18 -6.66 15.20
CA ARG D 223 7.88 -5.45 15.63
C ARG D 223 9.39 -5.73 15.53
N ASN D 224 10.17 -4.69 15.25
CA ASN D 224 11.59 -4.83 14.92
C ASN D 224 12.32 -5.86 15.79
#